data_1PGB
# 
_entry.id   1PGB 
# 
_audit_conform.dict_name       mmcif_pdbx.dic 
_audit_conform.dict_version    5.386 
_audit_conform.dict_location   http://mmcif.pdb.org/dictionaries/ascii/mmcif_pdbx.dic 
# 
loop_
_database_2.database_id 
_database_2.database_code 
_database_2.pdbx_database_accession 
_database_2.pdbx_DOI 
PDB   1PGB         pdb_00001pgb 10.2210/pdb1pgb/pdb 
WWPDB D_1000175654 ?            ?                   
# 
loop_
_pdbx_audit_revision_history.ordinal 
_pdbx_audit_revision_history.data_content_type 
_pdbx_audit_revision_history.major_revision 
_pdbx_audit_revision_history.minor_revision 
_pdbx_audit_revision_history.revision_date 
1 'Structure model' 1 0 1994-04-30 
2 'Structure model' 1 1 2008-03-24 
3 'Structure model' 1 2 2011-07-13 
4 'Structure model' 1 3 2017-11-29 
5 'Structure model' 1 4 2024-02-14 
# 
_pdbx_audit_revision_details.ordinal             1 
_pdbx_audit_revision_details.revision_ordinal    1 
_pdbx_audit_revision_details.data_content_type   'Structure model' 
_pdbx_audit_revision_details.provider            repository 
_pdbx_audit_revision_details.type                'Initial release' 
_pdbx_audit_revision_details.description         ? 
_pdbx_audit_revision_details.details             ? 
# 
loop_
_pdbx_audit_revision_group.ordinal 
_pdbx_audit_revision_group.revision_ordinal 
_pdbx_audit_revision_group.data_content_type 
_pdbx_audit_revision_group.group 
1 2 'Structure model' 'Version format compliance' 
2 3 'Structure model' 'Version format compliance' 
3 4 'Structure model' 'Derived calculations'      
4 4 'Structure model' Other                       
5 5 'Structure model' 'Data collection'           
6 5 'Structure model' 'Database references'       
# 
loop_
_pdbx_audit_revision_category.ordinal 
_pdbx_audit_revision_category.revision_ordinal 
_pdbx_audit_revision_category.data_content_type 
_pdbx_audit_revision_category.category 
1 4 'Structure model' pdbx_database_status 
2 4 'Structure model' struct_conf          
3 4 'Structure model' struct_conf_type     
4 5 'Structure model' chem_comp_atom       
5 5 'Structure model' chem_comp_bond       
6 5 'Structure model' database_2           
# 
loop_
_pdbx_audit_revision_item.ordinal 
_pdbx_audit_revision_item.revision_ordinal 
_pdbx_audit_revision_item.data_content_type 
_pdbx_audit_revision_item.item 
1 4 'Structure model' '_pdbx_database_status.process_site'  
2 5 'Structure model' '_database_2.pdbx_DOI'                
3 5 'Structure model' '_database_2.pdbx_database_accession' 
# 
_pdbx_database_status.status_code                     REL 
_pdbx_database_status.entry_id                        1PGB 
_pdbx_database_status.recvd_initial_deposition_date   1993-11-23 
_pdbx_database_status.deposit_site                    ? 
_pdbx_database_status.process_site                    BNL 
_pdbx_database_status.SG_entry                        . 
_pdbx_database_status.pdb_format_compatible           Y 
_pdbx_database_status.status_code_mr                  ? 
_pdbx_database_status.status_code_sf                  ? 
_pdbx_database_status.status_code_cs                  ? 
_pdbx_database_status.methods_development_category    ? 
_pdbx_database_status.status_code_nmr_data            ? 
# 
loop_
_audit_author.name 
_audit_author.pdbx_ordinal 
'Gallagher, T.'   1 
'Alexander, P.'   2 
'Bryan, P.'       3 
'Gilliland, G.L.' 4 
# 
loop_
_citation.id 
_citation.title 
_citation.journal_abbrev 
_citation.journal_volume 
_citation.page_first 
_citation.page_last 
_citation.year 
_citation.journal_id_ASTM 
_citation.country 
_citation.journal_id_ISSN 
_citation.journal_id_CSD 
_citation.book_publisher 
_citation.pdbx_database_id_PubMed 
_citation.pdbx_database_id_DOI 
primary 'Two crystal structures of the B1 immunoglobulin-binding domain of streptococcal protein G and comparison with NMR.' 
Biochemistry 33  4721  4729 1994 BICHAW US 0006-2960 0033 ? 8161530 10.1021/bi00181a032 
1       
;1.67 Angstroms X-Ray Structure of the B2 Immunoglobulin-Binding Domain of Streptoccocal Protein G and Comparison to the NMR Structure of the B1 Domain
;
Biochemistry 31  10449 ?    1992 BICHAW US 0006-2960 0033 ? ?       ?                   
2       'A Novel, Highly Stable Fold of the Immunoglobulin Binding Domain of Streptococcal Protein G' Science      253 657   ?    
1991 SCIEAS US 0036-8075 0038 ? ?       ?                   
# 
loop_
_citation_author.citation_id 
_citation_author.name 
_citation_author.ordinal 
_citation_author.identifier_ORCID 
primary 'Gallagher, T.'    1  ? 
primary 'Alexander, P.'    2  ? 
primary 'Bryan, P.'        3  ? 
primary 'Gilliland, G.L.'  4  ? 
1       'Achari, A.'       5  ? 
1       'Hale, S.P.'       6  ? 
1       'Howard, A.J.'     7  ? 
1       'Clore, G.M.'      8  ? 
1       'Gronenborn, A.M.' 9  ? 
1       'Hardman, K.D.'    10 ? 
1       'Whitlow, M.'      11 ? 
2       'Gronenborn, A.M.' 12 ? 
2       'Filpula, D.R.'    13 ? 
2       'Essig, N.Z.'      14 ? 
2       'Achari, A.'       15 ? 
2       'Whitlow, M.'      16 ? 
2       'Wingfield, P.T.'  17 ? 
2       'Clore, G.M.'      18 ? 
# 
loop_
_entity.id 
_entity.type 
_entity.src_method 
_entity.pdbx_description 
_entity.formula_weight 
_entity.pdbx_number_of_molecules 
_entity.pdbx_ec 
_entity.pdbx_mutation 
_entity.pdbx_fragment 
_entity.details 
1 polymer man 'PROTEIN G' 6201.784 1  ? ? ? ? 
2 water   nat water       18.015   24 ? ? ? ? 
# 
_entity_poly.entity_id                      1 
_entity_poly.type                           'polypeptide(L)' 
_entity_poly.nstd_linkage                   no 
_entity_poly.nstd_monomer                   no 
_entity_poly.pdbx_seq_one_letter_code       MTYKLILNGKTLKGETTTEAVDAATAEKVFKQYANDNGVDGEWTYDDATKTFTVTE 
_entity_poly.pdbx_seq_one_letter_code_can   MTYKLILNGKTLKGETTTEAVDAATAEKVFKQYANDNGVDGEWTYDDATKTFTVTE 
_entity_poly.pdbx_strand_id                 A 
_entity_poly.pdbx_target_identifier         ? 
# 
_pdbx_entity_nonpoly.entity_id   2 
_pdbx_entity_nonpoly.name        water 
_pdbx_entity_nonpoly.comp_id     HOH 
# 
loop_
_entity_poly_seq.entity_id 
_entity_poly_seq.num 
_entity_poly_seq.mon_id 
_entity_poly_seq.hetero 
1 1  MET n 
1 2  THR n 
1 3  TYR n 
1 4  LYS n 
1 5  LEU n 
1 6  ILE n 
1 7  LEU n 
1 8  ASN n 
1 9  GLY n 
1 10 LYS n 
1 11 THR n 
1 12 LEU n 
1 13 LYS n 
1 14 GLY n 
1 15 GLU n 
1 16 THR n 
1 17 THR n 
1 18 THR n 
1 19 GLU n 
1 20 ALA n 
1 21 VAL n 
1 22 ASP n 
1 23 ALA n 
1 24 ALA n 
1 25 THR n 
1 26 ALA n 
1 27 GLU n 
1 28 LYS n 
1 29 VAL n 
1 30 PHE n 
1 31 LYS n 
1 32 GLN n 
1 33 TYR n 
1 34 ALA n 
1 35 ASN n 
1 36 ASP n 
1 37 ASN n 
1 38 GLY n 
1 39 VAL n 
1 40 ASP n 
1 41 GLY n 
1 42 GLU n 
1 43 TRP n 
1 44 THR n 
1 45 TYR n 
1 46 ASP n 
1 47 ASP n 
1 48 ALA n 
1 49 THR n 
1 50 LYS n 
1 51 THR n 
1 52 PHE n 
1 53 THR n 
1 54 VAL n 
1 55 THR n 
1 56 GLU n 
# 
_entity_src_gen.entity_id                          1 
_entity_src_gen.pdbx_src_id                        1 
_entity_src_gen.pdbx_alt_source_flag               sample 
_entity_src_gen.pdbx_seq_type                      ? 
_entity_src_gen.pdbx_beg_seq_num                   ? 
_entity_src_gen.pdbx_end_seq_num                   ? 
_entity_src_gen.gene_src_common_name               ? 
_entity_src_gen.gene_src_genus                     Streptococcus 
_entity_src_gen.pdbx_gene_src_gene                 ? 
_entity_src_gen.gene_src_species                   ? 
_entity_src_gen.gene_src_strain                    ? 
_entity_src_gen.gene_src_tissue                    ? 
_entity_src_gen.gene_src_tissue_fraction           ? 
_entity_src_gen.gene_src_details                   ? 
_entity_src_gen.pdbx_gene_src_fragment             ? 
_entity_src_gen.pdbx_gene_src_scientific_name      'Streptococcus sp. GX7805' 
_entity_src_gen.pdbx_gene_src_ncbi_taxonomy_id     1325 
_entity_src_gen.pdbx_gene_src_variant              ? 
_entity_src_gen.pdbx_gene_src_cell_line            ? 
_entity_src_gen.pdbx_gene_src_atcc                 ? 
_entity_src_gen.pdbx_gene_src_organ                ? 
_entity_src_gen.pdbx_gene_src_organelle            ? 
_entity_src_gen.pdbx_gene_src_cell                 ? 
_entity_src_gen.pdbx_gene_src_cellular_location    ? 
_entity_src_gen.host_org_common_name               ? 
_entity_src_gen.pdbx_host_org_scientific_name      ? 
_entity_src_gen.pdbx_host_org_ncbi_taxonomy_id     ? 
_entity_src_gen.host_org_genus                     ? 
_entity_src_gen.pdbx_host_org_gene                 ? 
_entity_src_gen.pdbx_host_org_organ                ? 
_entity_src_gen.host_org_species                   ? 
_entity_src_gen.pdbx_host_org_tissue               ? 
_entity_src_gen.pdbx_host_org_tissue_fraction      ? 
_entity_src_gen.pdbx_host_org_strain               ? 
_entity_src_gen.pdbx_host_org_variant              ? 
_entity_src_gen.pdbx_host_org_cell_line            ? 
_entity_src_gen.pdbx_host_org_atcc                 ? 
_entity_src_gen.pdbx_host_org_culture_collection   ? 
_entity_src_gen.pdbx_host_org_cell                 ? 
_entity_src_gen.pdbx_host_org_organelle            ? 
_entity_src_gen.pdbx_host_org_cellular_location    ? 
_entity_src_gen.pdbx_host_org_vector_type          ? 
_entity_src_gen.pdbx_host_org_vector               ? 
_entity_src_gen.host_org_details                   ? 
_entity_src_gen.expression_system_id               ? 
_entity_src_gen.plasmid_name                       ? 
_entity_src_gen.plasmid_details                    ? 
_entity_src_gen.pdbx_description                   ? 
# 
loop_
_chem_comp.id 
_chem_comp.type 
_chem_comp.mon_nstd_flag 
_chem_comp.name 
_chem_comp.pdbx_synonyms 
_chem_comp.formula 
_chem_comp.formula_weight 
ALA 'L-peptide linking' y ALANINE         ? 'C3 H7 N O2'     89.093  
ASN 'L-peptide linking' y ASPARAGINE      ? 'C4 H8 N2 O3'    132.118 
ASP 'L-peptide linking' y 'ASPARTIC ACID' ? 'C4 H7 N O4'     133.103 
GLN 'L-peptide linking' y GLUTAMINE       ? 'C5 H10 N2 O3'   146.144 
GLU 'L-peptide linking' y 'GLUTAMIC ACID' ? 'C5 H9 N O4'     147.129 
GLY 'peptide linking'   y GLYCINE         ? 'C2 H5 N O2'     75.067  
HOH non-polymer         . WATER           ? 'H2 O'           18.015  
ILE 'L-peptide linking' y ISOLEUCINE      ? 'C6 H13 N O2'    131.173 
LEU 'L-peptide linking' y LEUCINE         ? 'C6 H13 N O2'    131.173 
LYS 'L-peptide linking' y LYSINE          ? 'C6 H15 N2 O2 1' 147.195 
MET 'L-peptide linking' y METHIONINE      ? 'C5 H11 N O2 S'  149.211 
PHE 'L-peptide linking' y PHENYLALANINE   ? 'C9 H11 N O2'    165.189 
THR 'L-peptide linking' y THREONINE       ? 'C4 H9 N O3'     119.119 
TRP 'L-peptide linking' y TRYPTOPHAN      ? 'C11 H12 N2 O2'  204.225 
TYR 'L-peptide linking' y TYROSINE        ? 'C9 H11 N O3'    181.189 
VAL 'L-peptide linking' y VALINE          ? 'C5 H11 N O2'    117.146 
# 
loop_
_pdbx_poly_seq_scheme.asym_id 
_pdbx_poly_seq_scheme.entity_id 
_pdbx_poly_seq_scheme.seq_id 
_pdbx_poly_seq_scheme.mon_id 
_pdbx_poly_seq_scheme.ndb_seq_num 
_pdbx_poly_seq_scheme.pdb_seq_num 
_pdbx_poly_seq_scheme.auth_seq_num 
_pdbx_poly_seq_scheme.pdb_mon_id 
_pdbx_poly_seq_scheme.auth_mon_id 
_pdbx_poly_seq_scheme.pdb_strand_id 
_pdbx_poly_seq_scheme.pdb_ins_code 
_pdbx_poly_seq_scheme.hetero 
A 1 1  MET 1  1  1  MET MET A . n 
A 1 2  THR 2  2  2  THR THR A . n 
A 1 3  TYR 3  3  3  TYR TYR A . n 
A 1 4  LYS 4  4  4  LYS LYS A . n 
A 1 5  LEU 5  5  5  LEU LEU A . n 
A 1 6  ILE 6  6  6  ILE ILE A . n 
A 1 7  LEU 7  7  7  LEU LEU A . n 
A 1 8  ASN 8  8  8  ASN ASN A . n 
A 1 9  GLY 9  9  9  GLY GLY A . n 
A 1 10 LYS 10 10 10 LYS LYS A . n 
A 1 11 THR 11 11 11 THR THR A . n 
A 1 12 LEU 12 12 12 LEU LEU A . n 
A 1 13 LYS 13 13 13 LYS LYS A . n 
A 1 14 GLY 14 14 14 GLY GLY A . n 
A 1 15 GLU 15 15 15 GLU GLU A . n 
A 1 16 THR 16 16 16 THR THR A . n 
A 1 17 THR 17 17 17 THR THR A . n 
A 1 18 THR 18 18 18 THR THR A . n 
A 1 19 GLU 19 19 19 GLU GLU A . n 
A 1 20 ALA 20 20 20 ALA ALA A . n 
A 1 21 VAL 21 21 21 VAL VAL A . n 
A 1 22 ASP 22 22 22 ASP ASP A . n 
A 1 23 ALA 23 23 23 ALA ALA A . n 
A 1 24 ALA 24 24 24 ALA ALA A . n 
A 1 25 THR 25 25 25 THR THR A . n 
A 1 26 ALA 26 26 26 ALA ALA A . n 
A 1 27 GLU 27 27 27 GLU GLU A . n 
A 1 28 LYS 28 28 28 LYS LYS A . n 
A 1 29 VAL 29 29 29 VAL VAL A . n 
A 1 30 PHE 30 30 30 PHE PHE A . n 
A 1 31 LYS 31 31 31 LYS LYS A . n 
A 1 32 GLN 32 32 32 GLN GLN A . n 
A 1 33 TYR 33 33 33 TYR TYR A . n 
A 1 34 ALA 34 34 34 ALA ALA A . n 
A 1 35 ASN 35 35 35 ASN ASN A . n 
A 1 36 ASP 36 36 36 ASP ASP A . n 
A 1 37 ASN 37 37 37 ASN ASN A . n 
A 1 38 GLY 38 38 38 GLY GLY A . n 
A 1 39 VAL 39 39 39 VAL VAL A . n 
A 1 40 ASP 40 40 40 ASP ASP A . n 
A 1 41 GLY 41 41 41 GLY GLY A . n 
A 1 42 GLU 42 42 42 GLU GLU A . n 
A 1 43 TRP 43 43 43 TRP TRP A . n 
A 1 44 THR 44 44 44 THR THR A . n 
A 1 45 TYR 45 45 45 TYR TYR A . n 
A 1 46 ASP 46 46 46 ASP ASP A . n 
A 1 47 ASP 47 47 47 ASP ASP A . n 
A 1 48 ALA 48 48 48 ALA ALA A . n 
A 1 49 THR 49 49 49 THR THR A . n 
A 1 50 LYS 50 50 50 LYS LYS A . n 
A 1 51 THR 51 51 51 THR THR A . n 
A 1 52 PHE 52 52 52 PHE PHE A . n 
A 1 53 THR 53 53 53 THR THR A . n 
A 1 54 VAL 54 54 54 VAL VAL A . n 
A 1 55 THR 55 55 55 THR THR A . n 
A 1 56 GLU 56 56 56 GLU GLU A . n 
# 
loop_
_pdbx_nonpoly_scheme.asym_id 
_pdbx_nonpoly_scheme.entity_id 
_pdbx_nonpoly_scheme.mon_id 
_pdbx_nonpoly_scheme.ndb_seq_num 
_pdbx_nonpoly_scheme.pdb_seq_num 
_pdbx_nonpoly_scheme.auth_seq_num 
_pdbx_nonpoly_scheme.pdb_mon_id 
_pdbx_nonpoly_scheme.auth_mon_id 
_pdbx_nonpoly_scheme.pdb_strand_id 
_pdbx_nonpoly_scheme.pdb_ins_code 
B 2 HOH 1  57 57 HOH HOH A . 
B 2 HOH 2  58 58 HOH HOH A . 
B 2 HOH 3  59 59 HOH HOH A . 
B 2 HOH 4  60 60 HOH HOH A . 
B 2 HOH 5  61 61 HOH HOH A . 
B 2 HOH 6  62 62 HOH HOH A . 
B 2 HOH 7  63 63 HOH HOH A . 
B 2 HOH 8  64 64 HOH HOH A . 
B 2 HOH 9  65 65 HOH HOH A . 
B 2 HOH 10 66 66 HOH HOH A . 
B 2 HOH 11 67 67 HOH HOH A . 
B 2 HOH 12 68 68 HOH HOH A . 
B 2 HOH 13 69 69 HOH HOH A . 
B 2 HOH 14 70 70 HOH HOH A . 
B 2 HOH 15 71 71 HOH HOH A . 
B 2 HOH 16 72 72 HOH HOH A . 
B 2 HOH 17 73 73 HOH HOH A . 
B 2 HOH 18 74 74 HOH HOH A . 
B 2 HOH 19 75 75 HOH HOH A . 
B 2 HOH 20 76 76 HOH HOH A . 
B 2 HOH 21 77 77 HOH HOH A . 
B 2 HOH 22 78 78 HOH HOH A . 
B 2 HOH 23 79 79 HOH HOH A . 
B 2 HOH 24 80 80 HOH HOH A . 
# 
loop_
_software.name 
_software.classification 
_software.version 
_software.citation_id 
_software.pdbx_ordinal 
X-PLOR 'model building' . ? 1 
PROLSQ refinement       . ? 2 
X-PLOR refinement       . ? 3 
X-PLOR phasing          . ? 4 
# 
_cell.entry_id           1PGB 
_cell.length_a           36.633 
_cell.length_b           36.633 
_cell.length_c           79.254 
_cell.angle_alpha        90.00 
_cell.angle_beta         90.00 
_cell.angle_gamma        120.00 
_cell.Z_PDB              6 
_cell.pdbx_unique_axis   ? 
# 
_symmetry.entry_id                         1PGB 
_symmetry.space_group_name_H-M             'P 31 2 1' 
_symmetry.pdbx_full_space_group_name_H-M   ? 
_symmetry.cell_setting                     ? 
_symmetry.Int_Tables_number                152 
# 
_exptl.entry_id          1PGB 
_exptl.method            'X-RAY DIFFRACTION' 
_exptl.crystals_number   ? 
# 
_exptl_crystal.id                    1 
_exptl_crystal.density_meas          ? 
_exptl_crystal.density_Matthews      2.48 
_exptl_crystal.density_percent_sol   50.31 
_exptl_crystal.description           ? 
# 
_diffrn.id                     1 
_diffrn.ambient_temp           ? 
_diffrn.ambient_temp_details   ? 
_diffrn.crystal_id             1 
# 
_diffrn_radiation.diffrn_id                        1 
_diffrn_radiation.wavelength_id                    1 
_diffrn_radiation.pdbx_monochromatic_or_laue_m_l   ? 
_diffrn_radiation.monochromator                    ? 
_diffrn_radiation.pdbx_diffrn_protocol             ? 
_diffrn_radiation.pdbx_scattering_type             x-ray 
# 
_diffrn_radiation_wavelength.id           1 
_diffrn_radiation_wavelength.wavelength   . 
_diffrn_radiation_wavelength.wt           1.0 
# 
_refine.entry_id                                 1PGB 
_refine.ls_number_reflns_obs                     4493 
_refine.ls_number_reflns_all                     ? 
_refine.pdbx_ls_sigma_I                          1.0 
_refine.pdbx_ls_sigma_F                          ? 
_refine.pdbx_data_cutoff_high_absF               ? 
_refine.pdbx_data_cutoff_low_absF                ? 
_refine.pdbx_data_cutoff_high_rms_absF           ? 
_refine.ls_d_res_low                             6.0 
_refine.ls_d_res_high                            1.92 
_refine.ls_percent_reflns_obs                    ? 
_refine.ls_R_factor_obs                          0.1980000 
_refine.ls_R_factor_all                          ? 
_refine.ls_R_factor_R_work                       ? 
_refine.ls_R_factor_R_free                       ? 
_refine.ls_R_factor_R_free_error                 ? 
_refine.ls_R_factor_R_free_error_details         ? 
_refine.ls_percent_reflns_R_free                 ? 
_refine.ls_number_reflns_R_free                  ? 
_refine.ls_number_parameters                     ? 
_refine.ls_number_restraints                     ? 
_refine.occupancy_min                            ? 
_refine.occupancy_max                            ? 
_refine.B_iso_mean                               ? 
_refine.aniso_B[1][1]                            ? 
_refine.aniso_B[2][2]                            ? 
_refine.aniso_B[3][3]                            ? 
_refine.aniso_B[1][2]                            ? 
_refine.aniso_B[1][3]                            ? 
_refine.aniso_B[2][3]                            ? 
_refine.solvent_model_details                    ? 
_refine.solvent_model_param_ksol                 ? 
_refine.solvent_model_param_bsol                 ? 
_refine.pdbx_ls_cross_valid_method               ? 
_refine.details                                  ? 
_refine.pdbx_starting_model                      ? 
_refine.pdbx_method_to_determine_struct          ? 
_refine.pdbx_isotropic_thermal_model             ? 
_refine.pdbx_stereochemistry_target_values       ? 
_refine.pdbx_stereochem_target_val_spec_case     ? 
_refine.pdbx_R_Free_selection_details            ? 
_refine.pdbx_overall_ESU_R                       ? 
_refine.pdbx_overall_ESU_R_Free                  ? 
_refine.overall_SU_ML                            ? 
_refine.overall_SU_B                             ? 
_refine.pdbx_refine_id                           'X-RAY DIFFRACTION' 
_refine.pdbx_diffrn_id                           1 
_refine.pdbx_TLS_residual_ADP_flag               ? 
_refine.correlation_coeff_Fo_to_Fc               ? 
_refine.correlation_coeff_Fo_to_Fc_free          ? 
_refine.pdbx_solvent_vdw_probe_radii             ? 
_refine.pdbx_solvent_ion_probe_radii             ? 
_refine.pdbx_solvent_shrinkage_radii             ? 
_refine.pdbx_overall_phase_error                 ? 
_refine.overall_SU_R_Cruickshank_DPI             ? 
_refine.pdbx_overall_SU_R_free_Cruickshank_DPI   ? 
_refine.pdbx_overall_SU_R_Blow_DPI               ? 
_refine.pdbx_overall_SU_R_free_Blow_DPI          ? 
# 
_refine_hist.pdbx_refine_id                   'X-RAY DIFFRACTION' 
_refine_hist.cycle_id                         LAST 
_refine_hist.pdbx_number_atoms_protein        436 
_refine_hist.pdbx_number_atoms_nucleic_acid   0 
_refine_hist.pdbx_number_atoms_ligand         0 
_refine_hist.number_atoms_solvent             24 
_refine_hist.number_atoms_total               460 
_refine_hist.d_res_high                       1.92 
_refine_hist.d_res_low                        6.0 
# 
loop_
_refine_ls_restr.type 
_refine_ls_restr.dev_ideal 
_refine_ls_restr.dev_ideal_target 
_refine_ls_restr.weight 
_refine_ls_restr.number 
_refine_ls_restr.pdbx_refine_id 
_refine_ls_restr.pdbx_restraint_function 
p_bond_d            0.020 ? ? ? 'X-RAY DIFFRACTION' ? 
p_angle_d           2.045 ? ? ? 'X-RAY DIFFRACTION' ? 
p_angle_deg         ?     ? ? ? 'X-RAY DIFFRACTION' ? 
p_planar_d          ?     ? ? ? 'X-RAY DIFFRACTION' ? 
p_hb_or_metal_coord ?     ? ? ? 'X-RAY DIFFRACTION' ? 
p_mcbond_it         ?     ? ? ? 'X-RAY DIFFRACTION' ? 
p_mcangle_it        ?     ? ? ? 'X-RAY DIFFRACTION' ? 
p_scbond_it         ?     ? ? ? 'X-RAY DIFFRACTION' ? 
p_scangle_it        ?     ? ? ? 'X-RAY DIFFRACTION' ? 
p_plane_restr       ?     ? ? ? 'X-RAY DIFFRACTION' ? 
p_chiral_restr      ?     ? ? ? 'X-RAY DIFFRACTION' ? 
p_singtor_nbd       ?     ? ? ? 'X-RAY DIFFRACTION' ? 
p_multtor_nbd       ?     ? ? ? 'X-RAY DIFFRACTION' ? 
p_xhyhbond_nbd      ?     ? ? ? 'X-RAY DIFFRACTION' ? 
p_xyhbond_nbd       ?     ? ? ? 'X-RAY DIFFRACTION' ? 
p_planar_tor        ?     ? ? ? 'X-RAY DIFFRACTION' ? 
p_staggered_tor     ?     ? ? ? 'X-RAY DIFFRACTION' ? 
p_orthonormal_tor   ?     ? ? ? 'X-RAY DIFFRACTION' ? 
p_transverse_tor    ?     ? ? ? 'X-RAY DIFFRACTION' ? 
p_special_tor       ?     ? ? ? 'X-RAY DIFFRACTION' ? 
# 
_struct.entry_id                  1PGB 
_struct.title                     
'TWO CRYSTAL STRUCTURES OF THE B1 IMMUNOGLOBULIN-BINDING DOMAIN OF STREPTOCCOCAL PROTEIN G AND COMPARISON WITH NMR' 
_struct.pdbx_model_details        ? 
_struct.pdbx_CASP_flag            ? 
_struct.pdbx_model_type_details   ? 
# 
_struct_keywords.entry_id        1PGB 
_struct_keywords.pdbx_keywords   'IMMUNOGLOBULIN BINDING PROTEIN' 
_struct_keywords.text            'IMMUNOGLOBULIN BINDING PROTEIN' 
# 
loop_
_struct_asym.id 
_struct_asym.pdbx_blank_PDB_chainid_flag 
_struct_asym.pdbx_modified 
_struct_asym.entity_id 
_struct_asym.details 
A N N 1 ? 
B N N 2 ? 
# 
_struct_ref.id                         1 
_struct_ref.db_name                    UNP 
_struct_ref.db_code                    SPG1_STRSG 
_struct_ref.entity_id                  1 
_struct_ref.pdbx_db_accession          P06654 
_struct_ref.pdbx_align_begin           1 
_struct_ref.pdbx_seq_one_letter_code   
;MEKEKKVKYFLRKSAFGLASVSAAFLVGSTVFAVDSPIEDTPIIRNGGELTNLLGNSETTLALRNEESATADLTAAAVAD
TVAAAAAENAGAAAWEAAAAADALAKAKADALKEFNKYGVSDYYKNLINNAKTVEGIKDLQAQVVESAKKARISEATDGL
SDFLKSQTPAEDTVKSIELAEAKVLANRELDKYGVSDYHKNLINNAKTVEGVKELIDEILAALPKTDTYKLILNGKTLKG
ETTTEAVDAATAEKVFKQYANDNGVDGEWTYDDATKTFTVTEKPEVIDASELTPAVTTYKLVINGKTLKGETTTKAVDAE
TAEKAFKQYANDNGVDGVWTYDDATKTFTVTEMVTEVPGDAPTEPEKPEASIPLVPLTPATPIAKDDAKKDDTKKEDAKK
PEAKKDDAKKAETLPTTGEGSNPFFTAAALAVMAGAGALAVASKRKED
;
_struct_ref.pdbx_db_isoform            ? 
# 
_struct_ref_seq.align_id                      1 
_struct_ref_seq.ref_id                        1 
_struct_ref_seq.pdbx_PDB_id_code              1PGB 
_struct_ref_seq.pdbx_strand_id                A 
_struct_ref_seq.seq_align_beg                 2 
_struct_ref_seq.pdbx_seq_align_beg_ins_code   ? 
_struct_ref_seq.seq_align_end                 56 
_struct_ref_seq.pdbx_seq_align_end_ins_code   ? 
_struct_ref_seq.pdbx_db_accession             P06654 
_struct_ref_seq.db_align_beg                  228 
_struct_ref_seq.pdbx_db_align_beg_ins_code    ? 
_struct_ref_seq.db_align_end                  282 
_struct_ref_seq.pdbx_db_align_end_ins_code    ? 
_struct_ref_seq.pdbx_auth_seq_align_beg       2 
_struct_ref_seq.pdbx_auth_seq_align_end       56 
# 
_pdbx_struct_assembly.id                   1 
_pdbx_struct_assembly.details              author_defined_assembly 
_pdbx_struct_assembly.method_details       ? 
_pdbx_struct_assembly.oligomeric_details   monomeric 
_pdbx_struct_assembly.oligomeric_count     1 
# 
_pdbx_struct_assembly_gen.assembly_id       1 
_pdbx_struct_assembly_gen.oper_expression   1 
_pdbx_struct_assembly_gen.asym_id_list      A,B 
# 
_pdbx_struct_oper_list.id                   1 
_pdbx_struct_oper_list.type                 'identity operation' 
_pdbx_struct_oper_list.name                 1_555 
_pdbx_struct_oper_list.symmetry_operation   x,y,z 
_pdbx_struct_oper_list.matrix[1][1]         1.0000000000 
_pdbx_struct_oper_list.matrix[1][2]         0.0000000000 
_pdbx_struct_oper_list.matrix[1][3]         0.0000000000 
_pdbx_struct_oper_list.vector[1]            0.0000000000 
_pdbx_struct_oper_list.matrix[2][1]         0.0000000000 
_pdbx_struct_oper_list.matrix[2][2]         1.0000000000 
_pdbx_struct_oper_list.matrix[2][3]         0.0000000000 
_pdbx_struct_oper_list.vector[2]            0.0000000000 
_pdbx_struct_oper_list.matrix[3][1]         0.0000000000 
_pdbx_struct_oper_list.matrix[3][2]         0.0000000000 
_pdbx_struct_oper_list.matrix[3][3]         1.0000000000 
_pdbx_struct_oper_list.vector[3]            0.0000000000 
# 
_struct_biol.id   1 
# 
_struct_conf.conf_type_id            HELX_P 
_struct_conf.id                      HELX_P1 
_struct_conf.pdbx_PDB_helix_id       1 
_struct_conf.beg_label_comp_id       ALA 
_struct_conf.beg_label_asym_id       A 
_struct_conf.beg_label_seq_id        23 
_struct_conf.pdbx_beg_PDB_ins_code   ? 
_struct_conf.end_label_comp_id       ASP 
_struct_conf.end_label_asym_id       A 
_struct_conf.end_label_seq_id        36 
_struct_conf.pdbx_end_PDB_ins_code   ? 
_struct_conf.beg_auth_comp_id        ALA 
_struct_conf.beg_auth_asym_id        A 
_struct_conf.beg_auth_seq_id         23 
_struct_conf.end_auth_comp_id        ASP 
_struct_conf.end_auth_asym_id        A 
_struct_conf.end_auth_seq_id         36 
_struct_conf.pdbx_PDB_helix_class    1 
_struct_conf.details                 ? 
_struct_conf.pdbx_PDB_helix_length   14 
# 
_struct_conf_type.id          HELX_P 
_struct_conf_type.criteria    ? 
_struct_conf_type.reference   ? 
# 
_struct_sheet.id               S1 
_struct_sheet.type             ? 
_struct_sheet.number_strands   4 
_struct_sheet.details          ? 
# 
loop_
_struct_sheet_order.sheet_id 
_struct_sheet_order.range_id_1 
_struct_sheet_order.range_id_2 
_struct_sheet_order.offset 
_struct_sheet_order.sense 
S1 1 2 ? anti-parallel 
S1 2 3 ? parallel      
S1 3 4 ? anti-parallel 
# 
loop_
_struct_sheet_range.sheet_id 
_struct_sheet_range.id 
_struct_sheet_range.beg_label_comp_id 
_struct_sheet_range.beg_label_asym_id 
_struct_sheet_range.beg_label_seq_id 
_struct_sheet_range.pdbx_beg_PDB_ins_code 
_struct_sheet_range.end_label_comp_id 
_struct_sheet_range.end_label_asym_id 
_struct_sheet_range.end_label_seq_id 
_struct_sheet_range.pdbx_end_PDB_ins_code 
_struct_sheet_range.beg_auth_comp_id 
_struct_sheet_range.beg_auth_asym_id 
_struct_sheet_range.beg_auth_seq_id 
_struct_sheet_range.end_auth_comp_id 
_struct_sheet_range.end_auth_asym_id 
_struct_sheet_range.end_auth_seq_id 
S1 1 LEU A 12 ? ALA A 20 ? LEU A 12 ALA A 20 
S1 2 MET A 1  ? GLY A 9  ? MET A 1  GLY A 9  
S1 3 LYS A 50 ? GLU A 56 ? LYS A 50 GLU A 56 
S1 4 GLU A 42 ? ASP A 46 ? GLU A 42 ASP A 46 
# 
loop_
_chem_comp_atom.comp_id 
_chem_comp_atom.atom_id 
_chem_comp_atom.type_symbol 
_chem_comp_atom.pdbx_aromatic_flag 
_chem_comp_atom.pdbx_stereo_config 
_chem_comp_atom.pdbx_ordinal 
ALA N    N N N 1   
ALA CA   C N S 2   
ALA C    C N N 3   
ALA O    O N N 4   
ALA CB   C N N 5   
ALA OXT  O N N 6   
ALA H    H N N 7   
ALA H2   H N N 8   
ALA HA   H N N 9   
ALA HB1  H N N 10  
ALA HB2  H N N 11  
ALA HB3  H N N 12  
ALA HXT  H N N 13  
ASN N    N N N 14  
ASN CA   C N S 15  
ASN C    C N N 16  
ASN O    O N N 17  
ASN CB   C N N 18  
ASN CG   C N N 19  
ASN OD1  O N N 20  
ASN ND2  N N N 21  
ASN OXT  O N N 22  
ASN H    H N N 23  
ASN H2   H N N 24  
ASN HA   H N N 25  
ASN HB2  H N N 26  
ASN HB3  H N N 27  
ASN HD21 H N N 28  
ASN HD22 H N N 29  
ASN HXT  H N N 30  
ASP N    N N N 31  
ASP CA   C N S 32  
ASP C    C N N 33  
ASP O    O N N 34  
ASP CB   C N N 35  
ASP CG   C N N 36  
ASP OD1  O N N 37  
ASP OD2  O N N 38  
ASP OXT  O N N 39  
ASP H    H N N 40  
ASP H2   H N N 41  
ASP HA   H N N 42  
ASP HB2  H N N 43  
ASP HB3  H N N 44  
ASP HD2  H N N 45  
ASP HXT  H N N 46  
GLN N    N N N 47  
GLN CA   C N S 48  
GLN C    C N N 49  
GLN O    O N N 50  
GLN CB   C N N 51  
GLN CG   C N N 52  
GLN CD   C N N 53  
GLN OE1  O N N 54  
GLN NE2  N N N 55  
GLN OXT  O N N 56  
GLN H    H N N 57  
GLN H2   H N N 58  
GLN HA   H N N 59  
GLN HB2  H N N 60  
GLN HB3  H N N 61  
GLN HG2  H N N 62  
GLN HG3  H N N 63  
GLN HE21 H N N 64  
GLN HE22 H N N 65  
GLN HXT  H N N 66  
GLU N    N N N 67  
GLU CA   C N S 68  
GLU C    C N N 69  
GLU O    O N N 70  
GLU CB   C N N 71  
GLU CG   C N N 72  
GLU CD   C N N 73  
GLU OE1  O N N 74  
GLU OE2  O N N 75  
GLU OXT  O N N 76  
GLU H    H N N 77  
GLU H2   H N N 78  
GLU HA   H N N 79  
GLU HB2  H N N 80  
GLU HB3  H N N 81  
GLU HG2  H N N 82  
GLU HG3  H N N 83  
GLU HE2  H N N 84  
GLU HXT  H N N 85  
GLY N    N N N 86  
GLY CA   C N N 87  
GLY C    C N N 88  
GLY O    O N N 89  
GLY OXT  O N N 90  
GLY H    H N N 91  
GLY H2   H N N 92  
GLY HA2  H N N 93  
GLY HA3  H N N 94  
GLY HXT  H N N 95  
HOH O    O N N 96  
HOH H1   H N N 97  
HOH H2   H N N 98  
ILE N    N N N 99  
ILE CA   C N S 100 
ILE C    C N N 101 
ILE O    O N N 102 
ILE CB   C N S 103 
ILE CG1  C N N 104 
ILE CG2  C N N 105 
ILE CD1  C N N 106 
ILE OXT  O N N 107 
ILE H    H N N 108 
ILE H2   H N N 109 
ILE HA   H N N 110 
ILE HB   H N N 111 
ILE HG12 H N N 112 
ILE HG13 H N N 113 
ILE HG21 H N N 114 
ILE HG22 H N N 115 
ILE HG23 H N N 116 
ILE HD11 H N N 117 
ILE HD12 H N N 118 
ILE HD13 H N N 119 
ILE HXT  H N N 120 
LEU N    N N N 121 
LEU CA   C N S 122 
LEU C    C N N 123 
LEU O    O N N 124 
LEU CB   C N N 125 
LEU CG   C N N 126 
LEU CD1  C N N 127 
LEU CD2  C N N 128 
LEU OXT  O N N 129 
LEU H    H N N 130 
LEU H2   H N N 131 
LEU HA   H N N 132 
LEU HB2  H N N 133 
LEU HB3  H N N 134 
LEU HG   H N N 135 
LEU HD11 H N N 136 
LEU HD12 H N N 137 
LEU HD13 H N N 138 
LEU HD21 H N N 139 
LEU HD22 H N N 140 
LEU HD23 H N N 141 
LEU HXT  H N N 142 
LYS N    N N N 143 
LYS CA   C N S 144 
LYS C    C N N 145 
LYS O    O N N 146 
LYS CB   C N N 147 
LYS CG   C N N 148 
LYS CD   C N N 149 
LYS CE   C N N 150 
LYS NZ   N N N 151 
LYS OXT  O N N 152 
LYS H    H N N 153 
LYS H2   H N N 154 
LYS HA   H N N 155 
LYS HB2  H N N 156 
LYS HB3  H N N 157 
LYS HG2  H N N 158 
LYS HG3  H N N 159 
LYS HD2  H N N 160 
LYS HD3  H N N 161 
LYS HE2  H N N 162 
LYS HE3  H N N 163 
LYS HZ1  H N N 164 
LYS HZ2  H N N 165 
LYS HZ3  H N N 166 
LYS HXT  H N N 167 
MET N    N N N 168 
MET CA   C N S 169 
MET C    C N N 170 
MET O    O N N 171 
MET CB   C N N 172 
MET CG   C N N 173 
MET SD   S N N 174 
MET CE   C N N 175 
MET OXT  O N N 176 
MET H    H N N 177 
MET H2   H N N 178 
MET HA   H N N 179 
MET HB2  H N N 180 
MET HB3  H N N 181 
MET HG2  H N N 182 
MET HG3  H N N 183 
MET HE1  H N N 184 
MET HE2  H N N 185 
MET HE3  H N N 186 
MET HXT  H N N 187 
PHE N    N N N 188 
PHE CA   C N S 189 
PHE C    C N N 190 
PHE O    O N N 191 
PHE CB   C N N 192 
PHE CG   C Y N 193 
PHE CD1  C Y N 194 
PHE CD2  C Y N 195 
PHE CE1  C Y N 196 
PHE CE2  C Y N 197 
PHE CZ   C Y N 198 
PHE OXT  O N N 199 
PHE H    H N N 200 
PHE H2   H N N 201 
PHE HA   H N N 202 
PHE HB2  H N N 203 
PHE HB3  H N N 204 
PHE HD1  H N N 205 
PHE HD2  H N N 206 
PHE HE1  H N N 207 
PHE HE2  H N N 208 
PHE HZ   H N N 209 
PHE HXT  H N N 210 
THR N    N N N 211 
THR CA   C N S 212 
THR C    C N N 213 
THR O    O N N 214 
THR CB   C N R 215 
THR OG1  O N N 216 
THR CG2  C N N 217 
THR OXT  O N N 218 
THR H    H N N 219 
THR H2   H N N 220 
THR HA   H N N 221 
THR HB   H N N 222 
THR HG1  H N N 223 
THR HG21 H N N 224 
THR HG22 H N N 225 
THR HG23 H N N 226 
THR HXT  H N N 227 
TRP N    N N N 228 
TRP CA   C N S 229 
TRP C    C N N 230 
TRP O    O N N 231 
TRP CB   C N N 232 
TRP CG   C Y N 233 
TRP CD1  C Y N 234 
TRP CD2  C Y N 235 
TRP NE1  N Y N 236 
TRP CE2  C Y N 237 
TRP CE3  C Y N 238 
TRP CZ2  C Y N 239 
TRP CZ3  C Y N 240 
TRP CH2  C Y N 241 
TRP OXT  O N N 242 
TRP H    H N N 243 
TRP H2   H N N 244 
TRP HA   H N N 245 
TRP HB2  H N N 246 
TRP HB3  H N N 247 
TRP HD1  H N N 248 
TRP HE1  H N N 249 
TRP HE3  H N N 250 
TRP HZ2  H N N 251 
TRP HZ3  H N N 252 
TRP HH2  H N N 253 
TRP HXT  H N N 254 
TYR N    N N N 255 
TYR CA   C N S 256 
TYR C    C N N 257 
TYR O    O N N 258 
TYR CB   C N N 259 
TYR CG   C Y N 260 
TYR CD1  C Y N 261 
TYR CD2  C Y N 262 
TYR CE1  C Y N 263 
TYR CE2  C Y N 264 
TYR CZ   C Y N 265 
TYR OH   O N N 266 
TYR OXT  O N N 267 
TYR H    H N N 268 
TYR H2   H N N 269 
TYR HA   H N N 270 
TYR HB2  H N N 271 
TYR HB3  H N N 272 
TYR HD1  H N N 273 
TYR HD2  H N N 274 
TYR HE1  H N N 275 
TYR HE2  H N N 276 
TYR HH   H N N 277 
TYR HXT  H N N 278 
VAL N    N N N 279 
VAL CA   C N S 280 
VAL C    C N N 281 
VAL O    O N N 282 
VAL CB   C N N 283 
VAL CG1  C N N 284 
VAL CG2  C N N 285 
VAL OXT  O N N 286 
VAL H    H N N 287 
VAL H2   H N N 288 
VAL HA   H N N 289 
VAL HB   H N N 290 
VAL HG11 H N N 291 
VAL HG12 H N N 292 
VAL HG13 H N N 293 
VAL HG21 H N N 294 
VAL HG22 H N N 295 
VAL HG23 H N N 296 
VAL HXT  H N N 297 
# 
loop_
_chem_comp_bond.comp_id 
_chem_comp_bond.atom_id_1 
_chem_comp_bond.atom_id_2 
_chem_comp_bond.value_order 
_chem_comp_bond.pdbx_aromatic_flag 
_chem_comp_bond.pdbx_stereo_config 
_chem_comp_bond.pdbx_ordinal 
ALA N   CA   sing N N 1   
ALA N   H    sing N N 2   
ALA N   H2   sing N N 3   
ALA CA  C    sing N N 4   
ALA CA  CB   sing N N 5   
ALA CA  HA   sing N N 6   
ALA C   O    doub N N 7   
ALA C   OXT  sing N N 8   
ALA CB  HB1  sing N N 9   
ALA CB  HB2  sing N N 10  
ALA CB  HB3  sing N N 11  
ALA OXT HXT  sing N N 12  
ASN N   CA   sing N N 13  
ASN N   H    sing N N 14  
ASN N   H2   sing N N 15  
ASN CA  C    sing N N 16  
ASN CA  CB   sing N N 17  
ASN CA  HA   sing N N 18  
ASN C   O    doub N N 19  
ASN C   OXT  sing N N 20  
ASN CB  CG   sing N N 21  
ASN CB  HB2  sing N N 22  
ASN CB  HB3  sing N N 23  
ASN CG  OD1  doub N N 24  
ASN CG  ND2  sing N N 25  
ASN ND2 HD21 sing N N 26  
ASN ND2 HD22 sing N N 27  
ASN OXT HXT  sing N N 28  
ASP N   CA   sing N N 29  
ASP N   H    sing N N 30  
ASP N   H2   sing N N 31  
ASP CA  C    sing N N 32  
ASP CA  CB   sing N N 33  
ASP CA  HA   sing N N 34  
ASP C   O    doub N N 35  
ASP C   OXT  sing N N 36  
ASP CB  CG   sing N N 37  
ASP CB  HB2  sing N N 38  
ASP CB  HB3  sing N N 39  
ASP CG  OD1  doub N N 40  
ASP CG  OD2  sing N N 41  
ASP OD2 HD2  sing N N 42  
ASP OXT HXT  sing N N 43  
GLN N   CA   sing N N 44  
GLN N   H    sing N N 45  
GLN N   H2   sing N N 46  
GLN CA  C    sing N N 47  
GLN CA  CB   sing N N 48  
GLN CA  HA   sing N N 49  
GLN C   O    doub N N 50  
GLN C   OXT  sing N N 51  
GLN CB  CG   sing N N 52  
GLN CB  HB2  sing N N 53  
GLN CB  HB3  sing N N 54  
GLN CG  CD   sing N N 55  
GLN CG  HG2  sing N N 56  
GLN CG  HG3  sing N N 57  
GLN CD  OE1  doub N N 58  
GLN CD  NE2  sing N N 59  
GLN NE2 HE21 sing N N 60  
GLN NE2 HE22 sing N N 61  
GLN OXT HXT  sing N N 62  
GLU N   CA   sing N N 63  
GLU N   H    sing N N 64  
GLU N   H2   sing N N 65  
GLU CA  C    sing N N 66  
GLU CA  CB   sing N N 67  
GLU CA  HA   sing N N 68  
GLU C   O    doub N N 69  
GLU C   OXT  sing N N 70  
GLU CB  CG   sing N N 71  
GLU CB  HB2  sing N N 72  
GLU CB  HB3  sing N N 73  
GLU CG  CD   sing N N 74  
GLU CG  HG2  sing N N 75  
GLU CG  HG3  sing N N 76  
GLU CD  OE1  doub N N 77  
GLU CD  OE2  sing N N 78  
GLU OE2 HE2  sing N N 79  
GLU OXT HXT  sing N N 80  
GLY N   CA   sing N N 81  
GLY N   H    sing N N 82  
GLY N   H2   sing N N 83  
GLY CA  C    sing N N 84  
GLY CA  HA2  sing N N 85  
GLY CA  HA3  sing N N 86  
GLY C   O    doub N N 87  
GLY C   OXT  sing N N 88  
GLY OXT HXT  sing N N 89  
HOH O   H1   sing N N 90  
HOH O   H2   sing N N 91  
ILE N   CA   sing N N 92  
ILE N   H    sing N N 93  
ILE N   H2   sing N N 94  
ILE CA  C    sing N N 95  
ILE CA  CB   sing N N 96  
ILE CA  HA   sing N N 97  
ILE C   O    doub N N 98  
ILE C   OXT  sing N N 99  
ILE CB  CG1  sing N N 100 
ILE CB  CG2  sing N N 101 
ILE CB  HB   sing N N 102 
ILE CG1 CD1  sing N N 103 
ILE CG1 HG12 sing N N 104 
ILE CG1 HG13 sing N N 105 
ILE CG2 HG21 sing N N 106 
ILE CG2 HG22 sing N N 107 
ILE CG2 HG23 sing N N 108 
ILE CD1 HD11 sing N N 109 
ILE CD1 HD12 sing N N 110 
ILE CD1 HD13 sing N N 111 
ILE OXT HXT  sing N N 112 
LEU N   CA   sing N N 113 
LEU N   H    sing N N 114 
LEU N   H2   sing N N 115 
LEU CA  C    sing N N 116 
LEU CA  CB   sing N N 117 
LEU CA  HA   sing N N 118 
LEU C   O    doub N N 119 
LEU C   OXT  sing N N 120 
LEU CB  CG   sing N N 121 
LEU CB  HB2  sing N N 122 
LEU CB  HB3  sing N N 123 
LEU CG  CD1  sing N N 124 
LEU CG  CD2  sing N N 125 
LEU CG  HG   sing N N 126 
LEU CD1 HD11 sing N N 127 
LEU CD1 HD12 sing N N 128 
LEU CD1 HD13 sing N N 129 
LEU CD2 HD21 sing N N 130 
LEU CD2 HD22 sing N N 131 
LEU CD2 HD23 sing N N 132 
LEU OXT HXT  sing N N 133 
LYS N   CA   sing N N 134 
LYS N   H    sing N N 135 
LYS N   H2   sing N N 136 
LYS CA  C    sing N N 137 
LYS CA  CB   sing N N 138 
LYS CA  HA   sing N N 139 
LYS C   O    doub N N 140 
LYS C   OXT  sing N N 141 
LYS CB  CG   sing N N 142 
LYS CB  HB2  sing N N 143 
LYS CB  HB3  sing N N 144 
LYS CG  CD   sing N N 145 
LYS CG  HG2  sing N N 146 
LYS CG  HG3  sing N N 147 
LYS CD  CE   sing N N 148 
LYS CD  HD2  sing N N 149 
LYS CD  HD3  sing N N 150 
LYS CE  NZ   sing N N 151 
LYS CE  HE2  sing N N 152 
LYS CE  HE3  sing N N 153 
LYS NZ  HZ1  sing N N 154 
LYS NZ  HZ2  sing N N 155 
LYS NZ  HZ3  sing N N 156 
LYS OXT HXT  sing N N 157 
MET N   CA   sing N N 158 
MET N   H    sing N N 159 
MET N   H2   sing N N 160 
MET CA  C    sing N N 161 
MET CA  CB   sing N N 162 
MET CA  HA   sing N N 163 
MET C   O    doub N N 164 
MET C   OXT  sing N N 165 
MET CB  CG   sing N N 166 
MET CB  HB2  sing N N 167 
MET CB  HB3  sing N N 168 
MET CG  SD   sing N N 169 
MET CG  HG2  sing N N 170 
MET CG  HG3  sing N N 171 
MET SD  CE   sing N N 172 
MET CE  HE1  sing N N 173 
MET CE  HE2  sing N N 174 
MET CE  HE3  sing N N 175 
MET OXT HXT  sing N N 176 
PHE N   CA   sing N N 177 
PHE N   H    sing N N 178 
PHE N   H2   sing N N 179 
PHE CA  C    sing N N 180 
PHE CA  CB   sing N N 181 
PHE CA  HA   sing N N 182 
PHE C   O    doub N N 183 
PHE C   OXT  sing N N 184 
PHE CB  CG   sing N N 185 
PHE CB  HB2  sing N N 186 
PHE CB  HB3  sing N N 187 
PHE CG  CD1  doub Y N 188 
PHE CG  CD2  sing Y N 189 
PHE CD1 CE1  sing Y N 190 
PHE CD1 HD1  sing N N 191 
PHE CD2 CE2  doub Y N 192 
PHE CD2 HD2  sing N N 193 
PHE CE1 CZ   doub Y N 194 
PHE CE1 HE1  sing N N 195 
PHE CE2 CZ   sing Y N 196 
PHE CE2 HE2  sing N N 197 
PHE CZ  HZ   sing N N 198 
PHE OXT HXT  sing N N 199 
THR N   CA   sing N N 200 
THR N   H    sing N N 201 
THR N   H2   sing N N 202 
THR CA  C    sing N N 203 
THR CA  CB   sing N N 204 
THR CA  HA   sing N N 205 
THR C   O    doub N N 206 
THR C   OXT  sing N N 207 
THR CB  OG1  sing N N 208 
THR CB  CG2  sing N N 209 
THR CB  HB   sing N N 210 
THR OG1 HG1  sing N N 211 
THR CG2 HG21 sing N N 212 
THR CG2 HG22 sing N N 213 
THR CG2 HG23 sing N N 214 
THR OXT HXT  sing N N 215 
TRP N   CA   sing N N 216 
TRP N   H    sing N N 217 
TRP N   H2   sing N N 218 
TRP CA  C    sing N N 219 
TRP CA  CB   sing N N 220 
TRP CA  HA   sing N N 221 
TRP C   O    doub N N 222 
TRP C   OXT  sing N N 223 
TRP CB  CG   sing N N 224 
TRP CB  HB2  sing N N 225 
TRP CB  HB3  sing N N 226 
TRP CG  CD1  doub Y N 227 
TRP CG  CD2  sing Y N 228 
TRP CD1 NE1  sing Y N 229 
TRP CD1 HD1  sing N N 230 
TRP CD2 CE2  doub Y N 231 
TRP CD2 CE3  sing Y N 232 
TRP NE1 CE2  sing Y N 233 
TRP NE1 HE1  sing N N 234 
TRP CE2 CZ2  sing Y N 235 
TRP CE3 CZ3  doub Y N 236 
TRP CE3 HE3  sing N N 237 
TRP CZ2 CH2  doub Y N 238 
TRP CZ2 HZ2  sing N N 239 
TRP CZ3 CH2  sing Y N 240 
TRP CZ3 HZ3  sing N N 241 
TRP CH2 HH2  sing N N 242 
TRP OXT HXT  sing N N 243 
TYR N   CA   sing N N 244 
TYR N   H    sing N N 245 
TYR N   H2   sing N N 246 
TYR CA  C    sing N N 247 
TYR CA  CB   sing N N 248 
TYR CA  HA   sing N N 249 
TYR C   O    doub N N 250 
TYR C   OXT  sing N N 251 
TYR CB  CG   sing N N 252 
TYR CB  HB2  sing N N 253 
TYR CB  HB3  sing N N 254 
TYR CG  CD1  doub Y N 255 
TYR CG  CD2  sing Y N 256 
TYR CD1 CE1  sing Y N 257 
TYR CD1 HD1  sing N N 258 
TYR CD2 CE2  doub Y N 259 
TYR CD2 HD2  sing N N 260 
TYR CE1 CZ   doub Y N 261 
TYR CE1 HE1  sing N N 262 
TYR CE2 CZ   sing Y N 263 
TYR CE2 HE2  sing N N 264 
TYR CZ  OH   sing N N 265 
TYR OH  HH   sing N N 266 
TYR OXT HXT  sing N N 267 
VAL N   CA   sing N N 268 
VAL N   H    sing N N 269 
VAL N   H2   sing N N 270 
VAL CA  C    sing N N 271 
VAL CA  CB   sing N N 272 
VAL CA  HA   sing N N 273 
VAL C   O    doub N N 274 
VAL C   OXT  sing N N 275 
VAL CB  CG1  sing N N 276 
VAL CB  CG2  sing N N 277 
VAL CB  HB   sing N N 278 
VAL CG1 HG11 sing N N 279 
VAL CG1 HG12 sing N N 280 
VAL CG1 HG13 sing N N 281 
VAL CG2 HG21 sing N N 282 
VAL CG2 HG22 sing N N 283 
VAL CG2 HG23 sing N N 284 
VAL OXT HXT  sing N N 285 
# 
_atom_sites.entry_id                    1PGB 
_atom_sites.fract_transf_matrix[1][1]   -0.01372267 
_atom_sites.fract_transf_matrix[1][2]   -0.02565495 
_atom_sites.fract_transf_matrix[1][3]   -0.01212726 
_atom_sites.fract_transf_matrix[2][1]   -0.03137323 
_atom_sites.fract_transf_matrix[2][2]   -0.00127271 
_atom_sites.fract_transf_matrix[2][3]   -0.00277022 
_atom_sites.fract_transf_matrix[3][1]   0.00081585 
_atom_sites.fract_transf_matrix[3][2]   0.00502187 
_atom_sites.fract_transf_matrix[3][3]   -0.01154683 
_atom_sites.fract_transf_vector[1]      0.431176 
_atom_sites.fract_transf_vector[2]      0.408940 
_atom_sites.fract_transf_vector[3]      0.225422 
# 
loop_
_atom_type.symbol 
C 
N 
O 
S 
# 
loop_
_atom_site.group_PDB 
_atom_site.id 
_atom_site.type_symbol 
_atom_site.label_atom_id 
_atom_site.label_alt_id 
_atom_site.label_comp_id 
_atom_site.label_asym_id 
_atom_site.label_entity_id 
_atom_site.label_seq_id 
_atom_site.pdbx_PDB_ins_code 
_atom_site.Cartn_x 
_atom_site.Cartn_y 
_atom_site.Cartn_z 
_atom_site.occupancy 
_atom_site.B_iso_or_equiv 
_atom_site.pdbx_formal_charge 
_atom_site.auth_seq_id 
_atom_site.auth_comp_id 
_atom_site.auth_asym_id 
_atom_site.auth_atom_id 
_atom_site.pdbx_PDB_model_num 
ATOM   1   N N   . MET A 1 1  ? -4.325 0.711   -14.299 1.00 15.93 ? 1  MET A N   1 
ATOM   2   C CA  . MET A 1 1  ? -4.350 -0.617  -13.665 1.00 17.40 ? 1  MET A CA  1 
ATOM   3   C C   . MET A 1 1  ? -4.655 -0.421  -12.152 1.00 14.65 ? 1  MET A C   1 
ATOM   4   O O   . MET A 1 1  ? -4.277 0.587   -11.556 1.00 13.04 ? 1  MET A O   1 
ATOM   5   C CB  . MET A 1 1  ? -2.983 -1.280  -13.899 1.00 20.72 ? 1  MET A CB  1 
ATOM   6   C CG  . MET A 1 1  ? -2.753 -2.650  -13.229 1.00 23.81 ? 1  MET A CG  1 
ATOM   7   S SD  . MET A 1 1  ? -2.637 -3.904  -14.445 1.00 28.11 ? 1  MET A SD  1 
ATOM   8   C CE  . MET A 1 1  ? -1.592 -3.090  -15.612 1.00 27.51 ? 1  MET A CE  1 
ATOM   9   N N   . THR A 1 2  ? -5.392 -1.358  -11.580 1.00 12.63 ? 2  THR A N   1 
ATOM   10  C CA  . THR A 1 2  ? -5.768 -1.303  -10.173 1.00 12.68 ? 2  THR A CA  1 
ATOM   11  C C   . THR A 1 2  ? -4.772 -2.086  -9.369  1.00 12.02 ? 2  THR A C   1 
ATOM   12  O O   . THR A 1 2  ? -4.499 -3.251  -9.661  1.00 13.07 ? 2  THR A O   1 
ATOM   13  C CB  . THR A 1 2  ? -7.089 -2.004  -9.898  1.00 14.62 ? 2  THR A CB  1 
ATOM   14  O OG1 . THR A 1 2  ? -8.078 -1.462  -10.781 1.00 15.31 ? 2  THR A OG1 1 
ATOM   15  C CG2 . THR A 1 2  ? -7.532 -1.763  -8.450  1.00 14.47 ? 2  THR A CG2 1 
ATOM   16  N N   . TYR A 1 3  ? -4.305 -1.420  -8.327  1.00 11.17 ? 3  TYR A N   1 
ATOM   17  C CA  . TYR A 1 3  ? -3.351 -1.928  -7.355  1.00 10.11 ? 3  TYR A CA  1 
ATOM   18  C C   . TYR A 1 3  ? -4.080 -1.903  -5.980  1.00 10.52 ? 3  TYR A C   1 
ATOM   19  O O   . TYR A 1 3  ? -4.953 -1.052  -5.724  1.00 9.38  ? 3  TYR A O   1 
ATOM   20  C CB  . TYR A 1 3  ? -2.164 -0.957  -7.319  1.00 10.96 ? 3  TYR A CB  1 
ATOM   21  C CG  . TYR A 1 3  ? -1.334 -1.010  -8.544  1.00 10.60 ? 3  TYR A CG  1 
ATOM   22  C CD1 . TYR A 1 3  ? -0.456 -2.024  -8.723  1.00 12.20 ? 3  TYR A CD1 1 
ATOM   23  C CD2 . TYR A 1 3  ? -1.513 -0.089  -9.573  1.00 11.77 ? 3  TYR A CD2 1 
ATOM   24  C CE1 . TYR A 1 3  ? 0.238  -2.176  -9.882  1.00 13.25 ? 3  TYR A CE1 1 
ATOM   25  C CE2 . TYR A 1 3  ? -0.814 -0.204  -10.748 1.00 12.45 ? 3  TYR A CE2 1 
ATOM   26  C CZ  . TYR A 1 3  ? 0.073  -1.284  -10.889 1.00 11.39 ? 3  TYR A CZ  1 
ATOM   27  O OH  . TYR A 1 3  ? 0.796  -1.498  -12.046 1.00 14.48 ? 3  TYR A OH  1 
ATOM   28  N N   . LYS A 1 4  ? -3.703 -2.821  -5.105  1.00 9.63  ? 4  LYS A N   1 
ATOM   29  C CA  . LYS A 1 4  ? -4.254 -2.935  -3.786  1.00 9.41  ? 4  LYS A CA  1 
ATOM   30  C C   . LYS A 1 4  ? -3.159 -2.745  -2.752  1.00 9.49  ? 4  LYS A C   1 
ATOM   31  O O   . LYS A 1 4  ? -1.986 -3.074  -2.976  1.00 8.55  ? 4  LYS A O   1 
ATOM   32  C CB  . LYS A 1 4  ? -4.804 -4.369  -3.589  1.00 12.36 ? 4  LYS A CB  1 
ATOM   33  C CG  . LYS A 1 4  ? -5.699 -4.509  -2.355  1.00 17.46 ? 4  LYS A CG  1 
ATOM   34  C CD  . LYS A 1 4  ? -6.129 -5.943  -2.053  1.00 20.77 ? 4  LYS A CD  1 
ATOM   35  C CE  . LYS A 1 4  ? -7.693 -6.156  -2.008  1.00 24.12 ? 4  LYS A CE  1 
ATOM   36  N NZ  . LYS A 1 4  ? -8.573 -5.217  -1.168  1.00 25.14 ? 4  LYS A NZ  1 
ATOM   37  N N   . LEU A 1 5  ? -3.573 -2.297  -1.570  1.00 8.76  ? 5  LEU A N   1 
ATOM   38  C CA  . LEU A 1 5  ? -2.705 -2.155  -0.425  1.00 7.91  ? 5  LEU A CA  1 
ATOM   39  C C   . LEU A 1 5  ? -3.412 -2.852  0.796   1.00 9.03  ? 5  LEU A C   1 
ATOM   40  O O   . LEU A 1 5  ? -4.578 -2.581  1.081   1.00 6.35  ? 5  LEU A O   1 
ATOM   41  C CB  . LEU A 1 5  ? -2.473 -0.665  -0.072  1.00 8.63  ? 5  LEU A CB  1 
ATOM   42  C CG  . LEU A 1 5  ? -1.738 -0.418  1.284   1.00 8.98  ? 5  LEU A CG  1 
ATOM   43  C CD1 . LEU A 1 5  ? -0.259 -0.895  1.223   1.00 8.38  ? 5  LEU A CD1 1 
ATOM   44  C CD2 . LEU A 1 5  ? -1.743 1.042   1.647   1.00 9.13  ? 5  LEU A CD2 1 
ATOM   45  N N   . ILE A 1 6  ? -2.704 -3.773  1.456   1.00 7.05  ? 6  ILE A N   1 
ATOM   46  C CA  . ILE A 1 6  ? -3.199 -4.419  2.650   1.00 9.67  ? 6  ILE A CA  1 
ATOM   47  C C   . ILE A 1 6  ? -2.449 -3.721  3.795   1.00 8.83  ? 6  ILE A C   1 
ATOM   48  O O   . ILE A 1 6  ? -1.232 -3.637  3.766   1.00 7.29  ? 6  ILE A O   1 
ATOM   49  C CB  . ILE A 1 6  ? -2.912 -5.915  2.624   1.00 9.90  ? 6  ILE A CB  1 
ATOM   50  C CG1 . ILE A 1 6  ? -3.697 -6.538  1.471   1.00 13.88 ? 6  ILE A CG1 1 
ATOM   51  C CG2 . ILE A 1 6  ? -3.399 -6.558  3.942   1.00 9.38  ? 6  ILE A CG2 1 
ATOM   52  C CD1 . ILE A 1 6  ? -3.338 -7.962  1.316   1.00 15.90 ? 6  ILE A CD1 1 
ATOM   53  N N   . LEU A 1 7  ? -3.180 -3.131  4.728   1.00 9.18  ? 7  LEU A N   1 
ATOM   54  C CA  . LEU A 1 7  ? -2.619 -2.394  5.850   1.00 7.98  ? 7  LEU A CA  1 
ATOM   55  C C   . LEU A 1 7  ? -2.711 -3.265  7.090   1.00 9.81  ? 7  LEU A C   1 
ATOM   56  O O   . LEU A 1 7  ? -3.780 -3.796  7.452   1.00 7.52  ? 7  LEU A O   1 
ATOM   57  C CB  . LEU A 1 7  ? -3.437 -1.131  6.110   1.00 11.14 ? 7  LEU A CB  1 
ATOM   58  C CG  . LEU A 1 7  ? -3.487 -0.069  5.007   1.00 13.03 ? 7  LEU A CG  1 
ATOM   59  C CD1 . LEU A 1 7  ? -4.903 0.433   4.849   1.00 14.31 ? 7  LEU A CD1 1 
ATOM   60  C CD2 . LEU A 1 7  ? -2.503 1.077   5.338   1.00 12.67 ? 7  LEU A CD2 1 
ATOM   61  N N   . ASN A 1 8  ? -1.586 -3.513  7.695   1.00 10.71 ? 8  ASN A N   1 
ATOM   62  C CA  . ASN A 1 8  ? -1.617 -4.297  8.892   1.00 13.03 ? 8  ASN A CA  1 
ATOM   63  C C   . ASN A 1 8  ? -0.799 -3.530  9.931   1.00 12.38 ? 8  ASN A C   1 
ATOM   64  O O   . ASN A 1 8  ? 0.311  -3.922  10.259  1.00 11.56 ? 8  ASN A O   1 
ATOM   65  C CB  . ASN A 1 8  ? -1.044 -5.652  8.602   1.00 15.38 ? 8  ASN A CB  1 
ATOM   66  C CG  . ASN A 1 8  ? -0.851 -6.443  9.857   1.00 19.45 ? 8  ASN A CG  1 
ATOM   67  O OD1 . ASN A 1 8  ? -1.797 -6.688  10.601  1.00 19.46 ? 8  ASN A OD1 1 
ATOM   68  N ND2 . ASN A 1 8  ? 0.398  -6.730  10.176  1.00 22.31 ? 8  ASN A ND2 1 
ATOM   69  N N   . GLY A 1 9  ? -1.254 -2.320  10.247  1.00 10.44 ? 9  GLY A N   1 
ATOM   70  C CA  . GLY A 1 9  ? -0.597 -1.490  11.220  1.00 12.52 ? 9  GLY A CA  1 
ATOM   71  C C   . GLY A 1 9  ? -1.059 -1.812  12.643  1.00 12.67 ? 9  GLY A C   1 
ATOM   72  O O   . GLY A 1 9  ? -1.897 -2.678  12.838  1.00 14.71 ? 9  GLY A O   1 
ATOM   73  N N   . LYS A 1 10 ? -0.524 -1.114  13.637  1.00 14.25 ? 10 LYS A N   1 
ATOM   74  C CA  . LYS A 1 10 ? -0.897 -1.381  15.037  1.00 15.77 ? 10 LYS A CA  1 
ATOM   75  C C   . LYS A 1 10 ? -2.301 -0.857  15.286  1.00 16.15 ? 10 LYS A C   1 
ATOM   76  O O   . LYS A 1 10 ? -3.095 -1.505  15.989  1.00 15.37 ? 10 LYS A O   1 
ATOM   77  C CB  . LYS A 1 10 ? 0.019  -0.677  16.050  1.00 18.26 ? 10 LYS A CB  1 
ATOM   78  C CG  . LYS A 1 10 ? 1.486  -0.774  15.785  1.00 21.67 ? 10 LYS A CG  1 
ATOM   79  C CD  . LYS A 1 10 ? 2.327  -0.162  16.932  1.00 23.96 ? 10 LYS A CD  1 
ATOM   80  C CE  . LYS A 1 10 ? 2.191  1.391   17.153  1.00 25.86 ? 10 LYS A CE  1 
ATOM   81  N NZ  . LYS A 1 10 ? 0.947  1.943   17.904  1.00 27.03 ? 10 LYS A NZ  1 
ATOM   82  N N   . THR A 1 11 ? -2.587 0.283   14.644  1.00 14.06 ? 11 THR A N   1 
ATOM   83  C CA  . THR A 1 11 ? -3.852 1.024   14.736  1.00 17.77 ? 11 THR A CA  1 
ATOM   84  C C   . THR A 1 11 ? -4.789 1.003   13.516  1.00 16.78 ? 11 THR A C   1 
ATOM   85  O O   . THR A 1 11 ? -5.979 0.995   13.703  1.00 15.84 ? 11 THR A O   1 
ATOM   86  C CB  . THR A 1 11 ? -3.551 2.505   15.088  1.00 18.41 ? 11 THR A CB  1 
ATOM   87  O OG1 . THR A 1 11 ? -3.365 2.599   16.500  1.00 22.26 ? 11 THR A OG1 1 
ATOM   88  C CG2 . THR A 1 11 ? -4.692 3.410   14.684  1.00 22.81 ? 11 THR A CG2 1 
ATOM   89  N N   . LEU A 1 12 ? -4.255 1.048   12.290  1.00 15.99 ? 12 LEU A N   1 
ATOM   90  C CA  . LEU A 1 12 ? -5.089 1.032   11.102  1.00 13.96 ? 12 LEU A CA  1 
ATOM   91  C C   . LEU A 1 12 ? -4.904 -0.321  10.412  1.00 13.07 ? 12 LEU A C   1 
ATOM   92  O O   . LEU A 1 12 ? -3.783 -0.750  10.158  1.00 11.55 ? 12 LEU A O   1 
ATOM   93  C CB  . LEU A 1 12 ? -4.613 2.103   10.152  1.00 16.48 ? 12 LEU A CB  1 
ATOM   94  C CG  . LEU A 1 12 ? -5.506 2.874   9.176   1.00 18.00 ? 12 LEU A CG  1 
ATOM   95  C CD1 . LEU A 1 12 ? -4.595 3.557   8.133   1.00 19.80 ? 12 LEU A CD1 1 
ATOM   96  C CD2 . LEU A 1 12 ? -6.565 1.982   8.592   1.00 19.00 ? 12 LEU A CD2 1 
ATOM   97  N N   . LYS A 1 13 ? -6.018 -0.988  10.137  1.00 12.54 ? 13 LYS A N   1 
ATOM   98  C CA  . LYS A 1 13 ? -6.070 -2.286  9.463   1.00 12.83 ? 13 LYS A CA  1 
ATOM   99  C C   . LYS A 1 13 ? -7.125 -2.278  8.329   1.00 11.77 ? 13 LYS A C   1 
ATOM   100 O O   . LYS A 1 13 ? -8.162 -1.667  8.484   1.00 11.59 ? 13 LYS A O   1 
ATOM   101 C CB  . LYS A 1 13 ? -6.438 -3.377  10.478  1.00 14.47 ? 13 LYS A CB  1 
ATOM   102 C CG  . LYS A 1 13 ? -5.303 -3.648  11.515  1.00 16.10 ? 13 LYS A CG  1 
ATOM   103 C CD  . LYS A 1 13 ? -5.416 -5.075  12.003  1.00 19.87 ? 13 LYS A CD  1 
ATOM   104 C CE  . LYS A 1 13 ? -4.168 -5.546  12.811  1.00 18.59 ? 13 LYS A CE  1 
ATOM   105 N NZ  . LYS A 1 13 ? -3.917 -4.615  13.860  1.00 19.82 ? 13 LYS A NZ  1 
ATOM   106 N N   . GLY A 1 14 ? -6.881 -3.004  7.244   1.00 11.38 ? 14 GLY A N   1 
ATOM   107 C CA  . GLY A 1 14 ? -7.831 -3.079  6.144   1.00 10.32 ? 14 GLY A CA  1 
ATOM   108 C C   . GLY A 1 14 ? -7.179 -3.135  4.757   1.00 10.18 ? 14 GLY A C   1 
ATOM   109 O O   . GLY A 1 14 ? -6.029 -3.554  4.656   1.00 8.21  ? 14 GLY A O   1 
ATOM   110 N N   . GLU A 1 15 ? -7.913 -2.759  3.695   1.00 10.59 ? 15 GLU A N   1 
ATOM   111 C CA  . GLU A 1 15 ? -7.453 -2.797  2.295   1.00 13.74 ? 15 GLU A CA  1 
ATOM   112 C C   . GLU A 1 15 ? -8.002 -1.631  1.583   1.00 13.79 ? 15 GLU A C   1 
ATOM   113 O O   . GLU A 1 15 ? -9.143 -1.266  1.852   1.00 13.45 ? 15 GLU A O   1 
ATOM   114 C CB  . GLU A 1 15 ? -8.095 -3.921  1.507   1.00 16.48 ? 15 GLU A CB  1 
ATOM   115 C CG  . GLU A 1 15 ? -7.965 -5.223  2.111   1.00 22.84 ? 15 GLU A CG  1 
ATOM   116 C CD  . GLU A 1 15 ? -8.679 -6.271  1.284   1.00 26.38 ? 15 GLU A CD  1 
ATOM   117 O OE1 . GLU A 1 15 ? -9.861 -6.033  0.893   1.00 28.66 ? 15 GLU A OE1 1 
ATOM   118 O OE2 . GLU A 1 15 ? -8.023 -7.301  0.959   1.00 28.91 ? 15 GLU A OE2 1 
ATOM   119 N N   . THR A 1 16 ? -7.204 -1.063  0.669   1.00 14.41 ? 16 THR A N   1 
ATOM   120 C CA  . THR A 1 16 ? -7.628 0.047   -0.217  1.00 14.61 ? 16 THR A CA  1 
ATOM   121 C C   . THR A 1 16 ? -7.044 -0.193  -1.588  1.00 13.99 ? 16 THR A C   1 
ATOM   122 O O   . THR A 1 16 ? -6.093 -0.972  -1.764  1.00 11.78 ? 16 THR A O   1 
ATOM   123 C CB  . THR A 1 16 ? -7.152 1.455   0.099   1.00 16.41 ? 16 THR A CB  1 
ATOM   124 O OG1 . THR A 1 16 ? -5.900 1.444   0.787   1.00 18.88 ? 16 THR A OG1 1 
ATOM   125 C CG2 . THR A 1 16 ? -8.154 2.177   0.802   1.00 17.82 ? 16 THR A CG2 1 
ATOM   126 N N   . THR A 1 17 ? -7.584 0.498   -2.574  1.00 13.62 ? 17 THR A N   1 
ATOM   127 C CA  . THR A 1 17 ? -7.043 0.300   -3.897  1.00 14.15 ? 17 THR A CA  1 
ATOM   128 C C   . THR A 1 17 ? -6.798 1.654   -4.502  1.00 15.20 ? 17 THR A C   1 
ATOM   129 O O   . THR A 1 17 ? -7.084 2.683   -3.899  1.00 15.18 ? 17 THR A O   1 
ATOM   130 C CB  . THR A 1 17 ? -8.011 -0.512  -4.773  1.00 14.95 ? 17 THR A CB  1 
ATOM   131 O OG1 . THR A 1 17 ? -9.184 0.254   -4.981  1.00 14.25 ? 17 THR A OG1 1 
ATOM   132 C CG2 . THR A 1 17 ? -8.413 -1.810  -4.109  1.00 15.92 ? 17 THR A CG2 1 
ATOM   133 N N   . THR A 1 18 ? -6.155 1.660   -5.646  1.00 12.55 ? 18 THR A N   1 
ATOM   134 C CA  . THR A 1 18 ? -5.917 2.886   -6.378  1.00 13.94 ? 18 THR A CA  1 
ATOM   135 C C   . THR A 1 18 ? -5.656 2.503   -7.841  1.00 14.46 ? 18 THR A C   1 
ATOM   136 O O   . THR A 1 18 ? -5.414 1.350   -8.146  1.00 12.38 ? 18 THR A O   1 
ATOM   137 C CB  . THR A 1 18 ? -4.713 3.758   -5.808  1.00 14.16 ? 18 THR A CB  1 
ATOM   138 O OG1 . THR A 1 18 ? -4.813 5.058   -6.388  1.00 14.09 ? 18 THR A OG1 1 
ATOM   139 C CG2 . THR A 1 18 ? -3.295 3.178   -6.199  1.00 13.14 ? 18 THR A CG2 1 
ATOM   140 N N   . GLU A 1 19 ? -5.898 3.441   -8.735  1.00 15.51 ? 19 GLU A N   1 
ATOM   141 C CA  . GLU A 1 19 ? -5.623 3.263   -10.157 1.00 17.06 ? 19 GLU A CA  1 
ATOM   142 C C   . GLU A 1 19 ? -4.317 3.981   -10.363 1.00 16.26 ? 19 GLU A C   1 
ATOM   143 O O   . GLU A 1 19 ? -4.147 5.108   -9.900  1.00 14.96 ? 19 GLU A O   1 
ATOM   144 C CB  . GLU A 1 19 ? -6.613 4.020   -11.024 1.00 20.36 ? 19 GLU A CB  1 
ATOM   145 C CG  . GLU A 1 19 ? -8.024 3.769   -10.722 1.00 26.21 ? 19 GLU A CG  1 
ATOM   146 C CD  . GLU A 1 19 ? -8.437 2.357   -10.986 1.00 30.24 ? 19 GLU A CD  1 
ATOM   147 O OE1 . GLU A 1 19 ? -8.119 1.888   -12.094 1.00 33.22 ? 19 GLU A OE1 1 
ATOM   148 O OE2 . GLU A 1 19 ? -9.111 1.720   -10.104 1.00 32.89 ? 19 GLU A OE2 1 
ATOM   149 N N   . ALA A 1 20 ? -3.408 3.364   -11.103 1.00 16.69 ? 20 ALA A N   1 
ATOM   150 C CA  . ALA A 1 20 ? -2.125 3.988   -11.403 1.00 18.60 ? 20 ALA A CA  1 
ATOM   151 C C   . ALA A 1 20 ? -1.661 3.411   -12.725 1.00 19.02 ? 20 ALA A C   1 
ATOM   152 O O   . ALA A 1 20 ? -2.094 2.329   -13.145 1.00 18.77 ? 20 ALA A O   1 
ATOM   153 C CB  . ALA A 1 20 ? -1.092 3.739   -10.307 1.00 16.05 ? 20 ALA A CB  1 
ATOM   154 N N   . VAL A 1 21 ? -0.820 4.170   -13.411 1.00 21.30 ? 21 VAL A N   1 
ATOM   155 C CA  . VAL A 1 21 ? -0.295 3.744   -14.699 1.00 24.03 ? 21 VAL A CA  1 
ATOM   156 C C   . VAL A 1 21 ? 0.657  2.578   -14.483 1.00 23.35 ? 21 VAL A C   1 
ATOM   157 O O   . VAL A 1 21 ? 0.617  1.611   -15.240 1.00 24.58 ? 21 VAL A O   1 
ATOM   158 C CB  . VAL A 1 21 ? 0.444  4.926   -15.380 1.00 25.67 ? 21 VAL A CB  1 
ATOM   159 C CG1 . VAL A 1 21 ? -0.454 6.263   -15.284 1.00 27.15 ? 21 VAL A CG1 1 
ATOM   160 C CG2 . VAL A 1 21 ? 1.816  5.160   -14.701 1.00 27.26 ? 21 VAL A CG2 1 
ATOM   161 N N   . ASP A 1 22 ? 1.468  2.630   -13.413 1.00 22.19 ? 22 ASP A N   1 
ATOM   162 C CA  . ASP A 1 22 ? 2.400  1.559   -13.132 1.00 20.87 ? 22 ASP A CA  1 
ATOM   163 C C   . ASP A 1 22 ? 2.630  1.327   -11.644 1.00 19.88 ? 22 ASP A C   1 
ATOM   164 O O   . ASP A 1 22 ? 2.147  2.071   -10.820 1.00 16.55 ? 22 ASP A O   1 
ATOM   165 C CB  . ASP A 1 22 ? 3.736  1.802   -13.854 1.00 24.38 ? 22 ASP A CB  1 
ATOM   166 C CG  . ASP A 1 22 ? 4.531  2.978   -13.309 1.00 26.45 ? 22 ASP A CG  1 
ATOM   167 O OD1 . ASP A 1 22 ? 4.016  3.844   -12.603 1.00 27.17 ? 22 ASP A OD1 1 
ATOM   168 O OD2 . ASP A 1 22 ? 5.725  3.045   -13.597 1.00 29.36 ? 22 ASP A OD2 1 
ATOM   169 N N   . ALA A 1 23 ? 3.482  0.371   -11.325 1.00 18.23 ? 23 ALA A N   1 
ATOM   170 C CA  . ALA A 1 23 ? 3.746  0.040   -9.947  1.00 18.86 ? 23 ALA A CA  1 
ATOM   171 C C   . ALA A 1 23 ? 4.492  1.054   -9.135  1.00 18.61 ? 23 ALA A C   1 
ATOM   172 O O   . ALA A 1 23 ? 4.191  1.191   -7.986  1.00 18.16 ? 23 ALA A O   1 
ATOM   173 C CB  . ALA A 1 23 ? 4.383  -1.334  -9.818  1.00 18.07 ? 23 ALA A CB  1 
ATOM   174 N N   . ALA A 1 24 ? 5.397  1.823   -9.723  1.00 18.48 ? 24 ALA A N   1 
ATOM   175 C CA  . ALA A 1 24 ? 6.139  2.825   -8.958  1.00 18.32 ? 24 ALA A CA  1 
ATOM   176 C C   . ALA A 1 24 ? 5.244  4.007   -8.621  1.00 18.46 ? 24 ALA A C   1 
ATOM   177 O O   . ALA A 1 24 ? 5.443  4.730   -7.626  1.00 18.48 ? 24 ALA A O   1 
ATOM   178 C CB  . ALA A 1 24 ? 7.347  3.315   -9.767  1.00 19.43 ? 24 ALA A CB  1 
ATOM   179 N N   . THR A 1 25 ? 4.255  4.243   -9.458  1.00 17.95 ? 25 THR A N   1 
ATOM   180 C CA  . THR A 1 25 ? 3.374  5.359   -9.180  1.00 16.86 ? 25 THR A CA  1 
ATOM   181 C C   . THR A 1 25 ? 2.430  4.978   -8.061  1.00 15.33 ? 25 THR A C   1 
ATOM   182 O O   . THR A 1 25 ? 2.122  5.816   -7.196  1.00 14.94 ? 25 THR A O   1 
ATOM   183 C CB  . THR A 1 25 ? 2.583  5.755   -10.434 1.00 18.46 ? 25 THR A CB  1 
ATOM   184 O OG1 . THR A 1 25 ? 3.514  6.073   -11.479 1.00 20.25 ? 25 THR A OG1 1 
ATOM   185 C CG2 . THR A 1 25 ? 1.801  6.996   -10.192 1.00 19.72 ? 25 THR A CG2 1 
ATOM   186 N N   . ALA A 1 26 ? 1.942  3.737   -8.090  1.00 14.97 ? 26 ALA A N   1 
ATOM   187 C CA  . ALA A 1 26 ? 1.023  3.279   -7.045  1.00 13.53 ? 26 ALA A CA  1 
ATOM   188 C C   . ALA A 1 26 ? 1.719  3.203   -5.644  1.00 14.75 ? 26 ALA A C   1 
ATOM   189 O O   . ALA A 1 26 ? 1.130  3.562   -4.615  1.00 13.31 ? 26 ALA A O   1 
ATOM   190 C CB  . ALA A 1 26 ? 0.393  1.958   -7.427  1.00 14.89 ? 26 ALA A CB  1 
ATOM   191 N N   . GLU A 1 27 ? 2.991  2.821   -5.639  1.00 15.13 ? 27 GLU A N   1 
ATOM   192 C CA  . GLU A 1 27 ? 3.820  2.730   -4.427  1.00 17.82 ? 27 GLU A CA  1 
ATOM   193 C C   . GLU A 1 27 ? 3.994  4.133   -3.828  1.00 16.72 ? 27 GLU A C   1 
ATOM   194 O O   . GLU A 1 27 ? 3.975  4.314   -2.636  1.00 16.01 ? 27 GLU A O   1 
ATOM   195 C CB  . GLU A 1 27 ? 5.188  2.171   -4.777  1.00 20.13 ? 27 GLU A CB  1 
ATOM   196 C CG  . GLU A 1 27 ? 5.937  1.757   -3.553  1.00 24.41 ? 27 GLU A CG  1 
ATOM   197 C CD  . GLU A 1 27 ? 7.422  1.831   -3.740  1.00 27.22 ? 27 GLU A CD  1 
ATOM   198 O OE1 . GLU A 1 27 ? 7.966  1.181   -4.626  1.00 28.16 ? 27 GLU A OE1 1 
ATOM   199 O OE2 . GLU A 1 27 ? 8.086  2.538   -2.988  1.00 29.79 ? 27 GLU A OE2 1 
ATOM   200 N N   . LYS A 1 28 ? 4.057  5.135   -4.691  1.00 17.07 ? 28 LYS A N   1 
ATOM   201 C CA  . LYS A 1 28 ? 4.192  6.539   -4.309  1.00 16.77 ? 28 LYS A CA  1 
ATOM   202 C C   . LYS A 1 28 ? 2.962  6.985   -3.547  1.00 16.33 ? 28 LYS A C   1 
ATOM   203 O O   . LYS A 1 28 ? 3.060  7.562   -2.459  1.00 15.88 ? 28 LYS A O   1 
ATOM   204 C CB  . LYS A 1 28 ? 4.256  7.397   -5.585  1.00 19.04 ? 28 LYS A CB  1 
ATOM   205 C CG  . LYS A 1 28 ? 5.363  8.374   -5.652  1.00 22.58 ? 28 LYS A CG  1 
ATOM   206 C CD  . LYS A 1 28 ? 5.419  8.867   -7.124  1.00 24.65 ? 28 LYS A CD  1 
ATOM   207 C CE  . LYS A 1 28 ? 5.812  7.738   -8.158  1.00 24.97 ? 28 LYS A CE  1 
ATOM   208 N NZ  . LYS A 1 28 ? 5.618  8.171   -9.602  1.00 26.72 ? 28 LYS A NZ  1 
ATOM   209 N N   . VAL A 1 29 ? 1.805  6.835   -4.166  1.00 14.87 ? 29 VAL A N   1 
ATOM   210 C CA  . VAL A 1 29 ? 0.614  7.257   -3.479  1.00 15.81 ? 29 VAL A CA  1 
ATOM   211 C C   . VAL A 1 29 ? 0.339  6.412   -2.206  1.00 14.71 ? 29 VAL A C   1 
ATOM   212 O O   . VAL A 1 29 ? -0.180 6.963   -1.233  1.00 14.07 ? 29 VAL A O   1 
ATOM   213 C CB  . VAL A 1 29 ? -0.640 7.322   -4.401  1.00 16.97 ? 29 VAL A CB  1 
ATOM   214 C CG1 . VAL A 1 29 ? -1.932 7.555   -3.596  1.00 14.55 ? 29 VAL A CG1 1 
ATOM   215 C CG2 . VAL A 1 29 ? -0.488 8.350   -5.365  1.00 17.42 ? 29 VAL A CG2 1 
ATOM   216 N N   . PHE A 1 30 ? 0.641  5.107   -2.222  1.00 11.59 ? 30 PHE A N   1 
ATOM   217 C CA  . PHE A 1 30 ? 0.401  4.254   -1.037  1.00 11.44 ? 30 PHE A CA  1 
ATOM   218 C C   . PHE A 1 30 ? 1.314  4.658   0.129   1.00 10.70 ? 30 PHE A C   1 
ATOM   219 O O   . PHE A 1 30 ? 0.871  4.795   1.262   1.00 11.11 ? 30 PHE A O   1 
ATOM   220 C CB  . PHE A 1 30 ? 0.488  2.766   -1.385  1.00 10.85 ? 30 PHE A CB  1 
ATOM   221 C CG  . PHE A 1 30 ? -0.736 2.238   -2.139  1.00 10.38 ? 30 PHE A CG  1 
ATOM   222 C CD1 . PHE A 1 30 ? -2.017 2.746   -1.912  1.00 9.64  ? 30 PHE A CD1 1 
ATOM   223 C CD2 . PHE A 1 30 ? -0.631 1.169   -3.029  1.00 8.62  ? 30 PHE A CD2 1 
ATOM   224 C CE1 . PHE A 1 30 ? -3.141 2.162   -2.568  1.00 9.89  ? 30 PHE A CE1 1 
ATOM   225 C CE2 . PHE A 1 30 ? -1.757 0.633   -3.640  1.00 9.58  ? 30 PHE A CE2 1 
ATOM   226 C CZ  . PHE A 1 30 ? -2.982 1.110   -3.419  1.00 6.81  ? 30 PHE A CZ  1 
ATOM   227 N N   . LYS A 1 31 ? 2.563  4.958   -0.171  1.00 9.82  ? 31 LYS A N   1 
ATOM   228 C CA  . LYS A 1 31 ? 3.461  5.420   0.864   1.00 13.16 ? 31 LYS A CA  1 
ATOM   229 C C   . LYS A 1 31 ? 2.973  6.738   1.497   1.00 13.88 ? 31 LYS A C   1 
ATOM   230 O O   . LYS A 1 31 ? 3.005  6.848   2.716   1.00 14.26 ? 31 LYS A O   1 
ATOM   231 C CB  . LYS A 1 31 ? 4.870  5.533   0.342   1.00 12.57 ? 31 LYS A CB  1 
ATOM   232 C CG  . LYS A 1 31 ? 5.365  4.209   -0.101  1.00 15.92 ? 31 LYS A CG  1 
ATOM   233 C CD  . LYS A 1 31 ? 6.375  3.638   0.859   1.00 18.70 ? 31 LYS A CD  1 
ATOM   234 C CE  . LYS A 1 31 ? 7.486  2.843   0.132   1.00 20.43 ? 31 LYS A CE  1 
ATOM   235 N NZ  . LYS A 1 31 ? 8.366  3.687   -0.753  1.00 24.60 ? 31 LYS A NZ  1 
ATOM   236 N N   . GLN A 1 32 ? 2.535  7.722   0.697   1.00 13.74 ? 32 GLN A N   1 
ATOM   237 C CA  . GLN A 1 32 ? 2.019  8.994   1.231   1.00 13.99 ? 32 GLN A CA  1 
ATOM   238 C C   . GLN A 1 32 ? 0.816  8.754   2.054   1.00 11.86 ? 32 GLN A C   1 
ATOM   239 O O   . GLN A 1 32 ? 0.692  9.308   3.105   1.00 13.29 ? 32 GLN A O   1 
ATOM   240 C CB  . GLN A 1 32 ? 1.628  9.952   0.116   1.00 15.80 ? 32 GLN A CB  1 
ATOM   241 C CG  . GLN A 1 32 ? 2.835  10.490  -0.578  1.00 19.09 ? 32 GLN A CG  1 
ATOM   242 C CD  . GLN A 1 32 ? 2.550  11.776  -1.272  1.00 21.96 ? 32 GLN A CD  1 
ATOM   243 O OE1 . GLN A 1 32 ? 1.731  11.832  -2.200  1.00 24.24 ? 32 GLN A OE1 1 
ATOM   244 N NE2 . GLN A 1 32 ? 3.209  12.859  -0.805  1.00 24.71 ? 32 GLN A NE2 1 
ATOM   245 N N   . TYR A 1 33 ? -0.064 7.889   1.605   1.00 12.15 ? 33 TYR A N   1 
ATOM   246 C CA  . TYR A 1 33 ? -1.283 7.581   2.348   1.00 14.44 ? 33 TYR A CA  1 
ATOM   247 C C   . TYR A 1 33 ? -0.992 6.923   3.704   1.00 14.12 ? 33 TYR A C   1 
ATOM   248 O O   . TYR A 1 33 ? -1.670 7.205   4.705   1.00 14.26 ? 33 TYR A O   1 
ATOM   249 C CB  . TYR A 1 33 ? -2.183 6.682   1.509   1.00 16.54 ? 33 TYR A CB  1 
ATOM   250 C CG  . TYR A 1 33 ? -3.326 6.097   2.286   1.00 18.28 ? 33 TYR A CG  1 
ATOM   251 C CD1 . TYR A 1 33 ? -4.450 6.864   2.640   1.00 20.06 ? 33 TYR A CD1 1 
ATOM   252 C CD2 . TYR A 1 33 ? -3.323 4.756   2.606   1.00 18.78 ? 33 TYR A CD2 1 
ATOM   253 C CE1 . TYR A 1 33 ? -5.576 6.262   3.308   1.00 20.25 ? 33 TYR A CE1 1 
ATOM   254 C CE2 . TYR A 1 33 ? -4.419 4.148   3.252   1.00 22.19 ? 33 TYR A CE2 1 
ATOM   255 C CZ  . TYR A 1 33 ? -5.537 4.895   3.587   1.00 21.54 ? 33 TYR A CZ  1 
ATOM   256 O OH  . TYR A 1 33 ? -6.612 4.199   4.110   1.00 24.66 ? 33 TYR A OH  1 
ATOM   257 N N   . ALA A 1 34 ? -0.008 6.027   3.717   1.00 13.26 ? 34 ALA A N   1 
ATOM   258 C CA  . ALA A 1 34 ? 0.379  5.305   4.930   1.00 12.72 ? 34 ALA A CA  1 
ATOM   259 C C   . ALA A 1 34 ? 0.997  6.294   5.893   1.00 14.22 ? 34 ALA A C   1 
ATOM   260 O O   . ALA A 1 34 ? 0.635  6.389   7.054   1.00 14.58 ? 34 ALA A O   1 
ATOM   261 C CB  . ALA A 1 34 ? 1.372  4.193   4.573   1.00 12.78 ? 34 ALA A CB  1 
ATOM   262 N N   . ASN A 1 35 ? 1.853  7.130   5.365   1.00 15.68 ? 35 ASN A N   1 
ATOM   263 C CA  . ASN A 1 35 ? 2.496  8.148   6.145   1.00 17.99 ? 35 ASN A CA  1 
ATOM   264 C C   . ASN A 1 35 ? 1.518  9.222   6.659   1.00 16.30 ? 35 ASN A C   1 
ATOM   265 O O   . ASN A 1 35 ? 1.693  9.748   7.726   1.00 15.40 ? 35 ASN A O   1 
ATOM   266 C CB  . ASN A 1 35 ? 3.601  8.757   5.300   1.00 22.00 ? 35 ASN A CB  1 
ATOM   267 C CG  . ASN A 1 35 ? 4.456  9.708   6.070   1.00 26.46 ? 35 ASN A CG  1 
ATOM   268 O OD1 . ASN A 1 35 ? 5.234  9.300   6.935   1.00 28.18 ? 35 ASN A OD1 1 
ATOM   269 N ND2 . ASN A 1 35 ? 4.314  10.995  5.792   1.00 29.23 ? 35 ASN A ND2 1 
ATOM   270 N N   . ASP A 1 36 ? 0.462  9.526   5.944   1.00 13.81 ? 36 ASP A N   1 
ATOM   271 C CA  . ASP A 1 36 ? -0.459 10.544  6.417   1.00 14.79 ? 36 ASP A CA  1 
ATOM   272 C C   . ASP A 1 36 ? -1.265 9.978   7.592   1.00 14.60 ? 36 ASP A C   1 
ATOM   273 O O   . ASP A 1 36 ? -1.887 10.713  8.364   1.00 14.67 ? 36 ASP A O   1 
ATOM   274 C CB  . ASP A 1 36 ? -1.474 10.879  5.335   1.00 14.90 ? 36 ASP A CB  1 
ATOM   275 C CG  . ASP A 1 36 ? -0.949 11.834  4.257   1.00 15.74 ? 36 ASP A CG  1 
ATOM   276 O OD1 . ASP A 1 36 ? 0.091  12.492  4.385   1.00 16.40 ? 36 ASP A OD1 1 
ATOM   277 O OD2 . ASP A 1 36 ? -1.637 11.918  3.239   1.00 15.76 ? 36 ASP A OD2 1 
ATOM   278 N N   . ASN A 1 37 ? -1.423 8.663   7.586   1.00 12.23 ? 37 ASN A N   1 
ATOM   279 C CA  . ASN A 1 37 ? -2.177 7.965   8.617   1.00 14.17 ? 37 ASN A CA  1 
ATOM   280 C C   . ASN A 1 37 ? -1.268 7.347   9.696   1.00 14.44 ? 37 ASN A C   1 
ATOM   281 O O   . ASN A 1 37 ? -1.712 6.481   10.427  1.00 14.03 ? 37 ASN A O   1 
ATOM   282 C CB  . ASN A 1 37 ? -3.106 6.935   7.993   1.00 16.26 ? 37 ASN A CB  1 
ATOM   283 C CG  . ASN A 1 37 ? -4.271 7.591   7.245   1.00 18.08 ? 37 ASN A CG  1 
ATOM   284 O OD1 . ASN A 1 37 ? -5.365 7.863   7.796   1.00 19.06 ? 37 ASN A OD1 1 
ATOM   285 N ND2 . ASN A 1 37 ? -4.043 7.852   5.969   1.00 19.17 ? 37 ASN A ND2 1 
ATOM   286 N N   . GLY A 1 38 ? -0.039 7.863   9.793   1.00 12.59 ? 38 GLY A N   1 
ATOM   287 C CA  . GLY A 1 38 ? 0.944  7.440   10.770  1.00 16.05 ? 38 GLY A CA  1 
ATOM   288 C C   . GLY A 1 38 ? 1.452  5.992   10.765  1.00 16.11 ? 38 GLY A C   1 
ATOM   289 O O   . GLY A 1 38 ? 2.047  5.592   11.740  1.00 16.10 ? 38 GLY A O   1 
ATOM   290 N N   . VAL A 1 39 ? 1.232  5.237   9.695   1.00 16.15 ? 39 VAL A N   1 
ATOM   291 C CA  . VAL A 1 39 ? 1.670  3.863   9.596   1.00 16.42 ? 39 VAL A CA  1 
ATOM   292 C C   . VAL A 1 39 ? 3.105  3.875   9.139   1.00 19.59 ? 39 VAL A C   1 
ATOM   293 O O   . VAL A 1 39 ? 3.460  4.584   8.196   1.00 19.24 ? 39 VAL A O   1 
ATOM   294 C CB  . VAL A 1 39 ? 0.760  3.118   8.654   1.00 17.50 ? 39 VAL A CB  1 
ATOM   295 C CG1 . VAL A 1 39 ? 1.243  1.721   8.376   1.00 17.24 ? 39 VAL A CG1 1 
ATOM   296 C CG2 . VAL A 1 39 ? -0.551 3.015   9.267   1.00 19.15 ? 39 VAL A CG2 1 
ATOM   297 N N   . ASP A 1 40 ? 3.943  3.085   9.797   1.00 19.47 ? 40 ASP A N   1 
ATOM   298 C CA  . ASP A 1 40 ? 5.338  3.043   9.491   1.00 21.18 ? 40 ASP A CA  1 
ATOM   299 C C   . ASP A 1 40 ? 5.787  1.599   9.624   1.00 20.22 ? 40 ASP A C   1 
ATOM   300 O O   . ASP A 1 40 ? 6.062  1.146   10.726  1.00 19.37 ? 40 ASP A O   1 
ATOM   301 C CB  . ASP A 1 40 ? 5.961  3.957   10.526  1.00 25.44 ? 40 ASP A CB  1 
ATOM   302 C CG  . ASP A 1 40 ? 7.466  3.985   10.488  1.00 28.94 ? 40 ASP A CG  1 
ATOM   303 O OD1 . ASP A 1 40 ? 8.116  3.838   9.393   1.00 30.77 ? 40 ASP A OD1 1 
ATOM   304 O OD2 . ASP A 1 40 ? 8.016  4.184   11.600  1.00 31.15 ? 40 ASP A OD2 1 
ATOM   305 N N   . GLY A 1 41 ? 5.807  0.829   8.555   1.00 18.77 ? 41 GLY A N   1 
ATOM   306 C CA  . GLY A 1 41 ? 6.234  -0.549  8.718   1.00 18.43 ? 41 GLY A CA  1 
ATOM   307 C C   . GLY A 1 41 ? 7.104  -1.117  7.603   1.00 17.67 ? 41 GLY A C   1 
ATOM   308 O O   . GLY A 1 41 ? 7.792  -0.330  6.947   1.00 19.29 ? 41 GLY A O   1 
ATOM   309 N N   . GLU A 1 42 ? 7.154  -2.452  7.440   1.00 14.75 ? 42 GLU A N   1 
ATOM   310 C CA  . GLU A 1 42 ? 7.923  -3.112  6.373   1.00 14.14 ? 42 GLU A CA  1 
ATOM   311 C C   . GLU A 1 42 ? 6.951  -3.274  5.250   1.00 9.89  ? 42 GLU A C   1 
ATOM   312 O O   . GLU A 1 42 ? 5.809  -3.603  5.468   1.00 9.62  ? 42 GLU A O   1 
ATOM   313 C CB  . GLU A 1 42 ? 8.325  -4.500  6.763   1.00 19.23 ? 42 GLU A CB  1 
ATOM   314 C CG  . GLU A 1 42 ? 8.960  -4.625  8.074   1.00 26.98 ? 42 GLU A CG  1 
ATOM   315 C CD  . GLU A 1 42 ? 10.344 -3.924  8.187   1.00 31.15 ? 42 GLU A CD  1 
ATOM   316 O OE1 . GLU A 1 42 ? 10.672 -2.992  7.346   1.00 34.13 ? 42 GLU A OE1 1 
ATOM   317 O OE2 . GLU A 1 42 ? 11.083 -4.278  9.190   1.00 33.25 ? 42 GLU A OE2 1 
ATOM   318 N N   . TRP A 1 43 ? 7.443  -3.175  4.032   1.00 9.87  ? 43 TRP A N   1 
ATOM   319 C CA  . TRP A 1 43 ? 6.627  -3.226  2.819   1.00 8.25  ? 43 TRP A CA  1 
ATOM   320 C C   . TRP A 1 43 ? 6.960  -4.346  1.903   1.00 8.60  ? 43 TRP A C   1 
ATOM   321 O O   . TRP A 1 43 ? 8.132  -4.691  1.783   1.00 7.77  ? 43 TRP A O   1 
ATOM   322 C CB  . TRP A 1 43 ? 6.917  -1.940  2.043   1.00 8.68  ? 43 TRP A CB  1 
ATOM   323 C CG  . TRP A 1 43 ? 6.329  -0.684  2.635   1.00 7.48  ? 43 TRP A CG  1 
ATOM   324 C CD1 . TRP A 1 43 ? 6.801  0.059   3.701   1.00 8.56  ? 43 TRP A CD1 1 
ATOM   325 C CD2 . TRP A 1 43 ? 5.120  -0.054  2.216   1.00 7.32  ? 43 TRP A CD2 1 
ATOM   326 N NE1 . TRP A 1 43 ? 5.944  1.104   3.958   1.00 7.51  ? 43 TRP A NE1 1 
ATOM   327 C CE2 . TRP A 1 43 ? 4.906  1.052   3.070   1.00 8.24  ? 43 TRP A CE2 1 
ATOM   328 C CE3 . TRP A 1 43 ? 4.189  -0.332  1.195   1.00 7.27  ? 43 TRP A CE3 1 
ATOM   329 C CZ2 . TRP A 1 43 ? 3.809  1.871   2.959   1.00 8.58  ? 43 TRP A CZ2 1 
ATOM   330 C CZ3 . TRP A 1 43 ? 3.090  0.484   1.075   1.00 8.41  ? 43 TRP A CZ3 1 
ATOM   331 C CH2 . TRP A 1 43 ? 2.907  1.590   1.970   1.00 9.15  ? 43 TRP A CH2 1 
ATOM   332 N N   . THR A 1 44 ? 5.962  -4.943  1.261   1.00 7.53  ? 44 THR A N   1 
ATOM   333 C CA  . THR A 1 44 ? 6.241  -5.955  0.242   1.00 8.33  ? 44 THR A CA  1 
ATOM   334 C C   . THR A 1 44 ? 5.356  -5.642  -0.955  1.00 9.34  ? 44 THR A C   1 
ATOM   335 O O   . THR A 1 44 ? 4.359  -4.914  -0.797  1.00 8.31  ? 44 THR A O   1 
ATOM   336 C CB  . THR A 1 44 ? 5.927  -7.372  0.621   1.00 10.23 ? 44 THR A CB  1 
ATOM   337 O OG1 . THR A 1 44 ? 4.520  -7.526  0.694   1.00 11.54 ? 44 THR A OG1 1 
ATOM   338 C CG2 . THR A 1 44 ? 6.548  -7.745  1.946   1.00 10.15 ? 44 THR A CG2 1 
ATOM   339 N N   . TYR A 1 45 ? 5.787  -6.081  -2.158  1.00 8.15  ? 45 TYR A N   1 
ATOM   340 C CA  . TYR A 1 45 ? 5.039  -5.891  -3.393  1.00 10.42 ? 45 TYR A CA  1 
ATOM   341 C C   . TYR A 1 45 ? 5.126  -7.170  -4.207  1.00 10.23 ? 45 TYR A C   1 
ATOM   342 O O   . TYR A 1 45 ? 6.178  -7.808  -4.258  1.00 8.07  ? 45 TYR A O   1 
ATOM   343 C CB  . TYR A 1 45 ? 5.526  -4.719  -4.205  1.00 11.98 ? 45 TYR A CB  1 
ATOM   344 C CG  . TYR A 1 45 ? 4.798  -4.618  -5.556  1.00 12.00 ? 45 TYR A CG  1 
ATOM   345 C CD1 . TYR A 1 45 ? 3.415  -4.355  -5.621  1.00 12.14 ? 45 TYR A CD1 1 
ATOM   346 C CD2 . TYR A 1 45 ? 5.479  -4.856  -6.761  1.00 13.51 ? 45 TYR A CD2 1 
ATOM   347 C CE1 . TYR A 1 45 ? 2.746  -4.340  -6.800  1.00 12.88 ? 45 TYR A CE1 1 
ATOM   348 C CE2 . TYR A 1 45 ? 4.791  -4.838  -7.971  1.00 15.33 ? 45 TYR A CE2 1 
ATOM   349 C CZ  . TYR A 1 45 ? 3.424  -4.580  -7.973  1.00 14.30 ? 45 TYR A CZ  1 
ATOM   350 O OH  . TYR A 1 45 ? 2.749  -4.541  -9.187  1.00 15.66 ? 45 TYR A OH  1 
ATOM   351 N N   . ASP A 1 46 ? 3.945  -7.640  -4.602  1.00 9.88  ? 46 ASP A N   1 
ATOM   352 C CA  . ASP A 1 46 ? 3.755  -8.839  -5.393  1.00 14.19 ? 46 ASP A CA  1 
ATOM   353 C C   . ASP A 1 46 ? 3.087  -8.422  -6.717  1.00 16.48 ? 46 ASP A C   1 
ATOM   354 O O   . ASP A 1 46 ? 1.892  -8.153  -6.787  1.00 16.58 ? 46 ASP A O   1 
ATOM   355 C CB  . ASP A 1 46 ? 2.843  -9.806  -4.659  1.00 14.31 ? 46 ASP A CB  1 
ATOM   356 C CG  . ASP A 1 46 ? 2.703  -11.125 -5.371  1.00 18.91 ? 46 ASP A CG  1 
ATOM   357 O OD1 . ASP A 1 46 ? 3.025  -11.203 -6.569  1.00 19.79 ? 46 ASP A OD1 1 
ATOM   358 O OD2 . ASP A 1 46 ? 2.267  -12.121 -4.735  1.00 21.36 ? 46 ASP A OD2 1 
ATOM   359 N N   . ASP A 1 47 ? 3.862  -8.517  -7.779  1.00 18.26 ? 47 ASP A N   1 
ATOM   360 C CA  . ASP A 1 47 ? 3.440  -8.138  -9.115  1.00 21.03 ? 47 ASP A CA  1 
ATOM   361 C C   . ASP A 1 47 ? 2.500  -9.099  -9.798  1.00 21.68 ? 47 ASP A C   1 
ATOM   362 O O   . ASP A 1 47 ? 1.937  -8.757  -10.840 1.00 23.61 ? 47 ASP A O   1 
ATOM   363 C CB  . ASP A 1 47 ? 4.660  -7.908  -9.968  1.00 22.88 ? 47 ASP A CB  1 
ATOM   364 C CG  . ASP A 1 47 ? 4.330  -7.215  -11.247 1.00 24.59 ? 47 ASP A CG  1 
ATOM   365 O OD1 . ASP A 1 47 ? 3.508  -6.257  -11.243 1.00 24.47 ? 47 ASP A OD1 1 
ATOM   366 O OD2 . ASP A 1 47 ? 4.929  -7.630  -12.259 1.00 26.18 ? 47 ASP A OD2 1 
ATOM   367 N N   . ALA A 1 48 ? 2.339  -10.288 -9.217  1.00 22.45 ? 48 ALA A N   1 
ATOM   368 C CA  . ALA A 1 48 ? 1.432  -11.299 -9.708  1.00 22.79 ? 48 ALA A CA  1 
ATOM   369 C C   . ALA A 1 48 ? -0.026 -11.039 -9.249  1.00 23.33 ? 48 ALA A C   1 
ATOM   370 O O   . ALA A 1 48 ? -0.970 -11.660 -9.749  1.00 24.83 ? 48 ALA A O   1 
ATOM   371 C CB  . ALA A 1 48 ? 1.876  -12.666 -9.217  1.00 23.59 ? 48 ALA A CB  1 
ATOM   372 N N   . THR A 1 49 ? -0.211 -10.202 -8.241  1.00 20.97 ? 49 THR A N   1 
ATOM   373 C CA  . THR A 1 49 ? -1.545 -9.912  -7.776  1.00 19.69 ? 49 THR A CA  1 
ATOM   374 C C   . THR A 1 49 ? -1.689 -8.422  -7.634  1.00 17.02 ? 49 THR A C   1 
ATOM   375 O O   . THR A 1 49 ? -2.709 -7.954  -7.189  1.00 17.68 ? 49 THR A O   1 
ATOM   376 C CB  . THR A 1 49 ? -1.815 -10.567 -6.448  1.00 19.96 ? 49 THR A CB  1 
ATOM   377 O OG1 . THR A 1 49 ? -0.847 -10.126 -5.485  1.00 19.38 ? 49 THR A OG1 1 
ATOM   378 C CG2 . THR A 1 49 ? -1.698 -12.059 -6.573  1.00 23.83 ? 49 THR A CG2 1 
ATOM   379 N N   . LYS A 1 50 ? -0.621 -7.687  -7.924  1.00 15.41 ? 50 LYS A N   1 
ATOM   380 C CA  . LYS A 1 50 ? -0.599 -6.236  -7.907  1.00 14.25 ? 50 LYS A CA  1 
ATOM   381 C C   . LYS A 1 50 ? -0.989 -5.719  -6.546  1.00 13.29 ? 50 LYS A C   1 
ATOM   382 O O   . LYS A 1 50 ? -1.713 -4.721  -6.415  1.00 11.76 ? 50 LYS A O   1 
ATOM   383 C CB  . LYS A 1 50 ? -1.544 -5.677  -9.000  1.00 17.93 ? 50 LYS A CB  1 
ATOM   384 C CG  . LYS A 1 50 ? -0.877 -5.413  -10.432 1.00 18.57 ? 50 LYS A CG  1 
ATOM   385 C CD  . LYS A 1 50 ? -0.651 -6.670  -11.183 1.00 22.33 ? 50 LYS A CD  1 
ATOM   386 C CE  . LYS A 1 50 ? 0.371  -6.526  -12.280 1.00 22.51 ? 50 LYS A CE  1 
ATOM   387 N NZ  . LYS A 1 50 ? 0.546  -7.918  -12.794 1.00 24.90 ? 50 LYS A NZ  1 
ATOM   388 N N   . THR A 1 51 ? -0.450 -6.376  -5.529  1.00 12.83 ? 51 THR A N   1 
ATOM   389 C CA  . THR A 1 51 ? -0.757 -6.049  -4.148  1.00 10.92 ? 51 THR A CA  1 
ATOM   390 C C   . THR A 1 51 ? 0.466  -5.657  -3.331  1.00 10.27 ? 51 THR A C   1 
ATOM   391 O O   . THR A 1 51 ? 1.533  -6.260  -3.455  1.00 10.13 ? 51 THR A O   1 
ATOM   392 C CB  . THR A 1 51 ? -1.398 -7.249  -3.522  1.00 11.83 ? 51 THR A CB  1 
ATOM   393 O OG1 . THR A 1 51 ? -2.611 -7.521  -4.222  1.00 12.26 ? 51 THR A OG1 1 
ATOM   394 C CG2 . THR A 1 51 ? -1.690 -7.000  -2.079  1.00 11.68 ? 51 THR A CG2 1 
ATOM   395 N N   . PHE A 1 52 ? 0.331  -4.534  -2.632  1.00 8.07  ? 52 PHE A N   1 
ATOM   396 C CA  . PHE A 1 52 ? 1.351  -4.026  -1.715  1.00 7.91  ? 52 PHE A CA  1 
ATOM   397 C C   . PHE A 1 52 ? 0.906  -4.387  -0.307  1.00 8.15  ? 52 PHE A C   1 
ATOM   398 O O   . PHE A 1 52 ? -0.313 -4.575  -0.032  1.00 7.99  ? 52 PHE A O   1 
ATOM   399 C CB  . PHE A 1 52 ? 1.440  -2.508  -1.737  1.00 8.29  ? 52 PHE A CB  1 
ATOM   400 C CG  . PHE A 1 52 ? 1.996  -1.958  -2.972  1.00 9.03  ? 52 PHE A CG  1 
ATOM   401 C CD1 . PHE A 1 52 ? 1.186  -1.734  -4.083  1.00 8.99  ? 52 PHE A CD1 1 
ATOM   402 C CD2 . PHE A 1 52 ? 3.340  -1.623  -3.053  1.00 11.01 ? 52 PHE A CD2 1 
ATOM   403 C CE1 . PHE A 1 52 ? 1.724  -1.181  -5.261  1.00 9.06  ? 52 PHE A CE1 1 
ATOM   404 C CE2 . PHE A 1 52 ? 3.872  -1.052  -4.276  1.00 9.75  ? 52 PHE A CE2 1 
ATOM   405 C CZ  . PHE A 1 52 ? 3.054  -0.853  -5.333  1.00 8.96  ? 52 PHE A CZ  1 
ATOM   406 N N   . THR A 1 53 ? 1.864  -4.565  0.584   1.00 9.12  ? 53 THR A N   1 
ATOM   407 C CA  . THR A 1 53 ? 1.446  -4.727  1.958   1.00 9.11  ? 53 THR A CA  1 
ATOM   408 C C   . THR A 1 53 ? 2.384  -3.938  2.881   1.00 9.18  ? 53 THR A C   1 
ATOM   409 O O   . THR A 1 53 ? 3.573  -3.848  2.621   1.00 8.31  ? 53 THR A O   1 
ATOM   410 C CB  . THR A 1 53 ? 1.399  -6.187  2.436   1.00 11.31 ? 53 THR A CB  1 
ATOM   411 O OG1 . THR A 1 53 ? 2.745  -6.646  2.693   1.00 16.07 ? 53 THR A OG1 1 
ATOM   412 C CG2 . THR A 1 53 ? 0.716  -7.074  1.441   1.00 11.54 ? 53 THR A CG2 1 
ATOM   413 N N   . VAL A 1 54 ? 1.826  -3.346  3.949   1.00 8.70  ? 54 VAL A N   1 
ATOM   414 C CA  . VAL A 1 54 ? 2.619  -2.639  4.928   1.00 9.53  ? 54 VAL A CA  1 
ATOM   415 C C   . VAL A 1 54 ? 2.292  -3.236  6.319   1.00 10.67 ? 54 VAL A C   1 
ATOM   416 O O   . VAL A 1 54 ? 1.122  -3.365  6.686   1.00 10.71 ? 54 VAL A O   1 
ATOM   417 C CB  . VAL A 1 54 ? 2.448  -1.073  4.888   1.00 9.89  ? 54 VAL A CB  1 
ATOM   418 C CG1 . VAL A 1 54 ? 0.957  -0.641  5.083   1.00 8.64  ? 54 VAL A CG1 1 
ATOM   419 C CG2 . VAL A 1 54 ? 3.339  -0.442  5.992   1.00 11.46 ? 54 VAL A CG2 1 
ATOM   420 N N   . THR A 1 55 ? 3.310  -3.649  7.045   1.00 11.61 ? 55 THR A N   1 
ATOM   421 C CA  . THR A 1 55 ? 3.087  -4.264  8.355   1.00 14.89 ? 55 THR A CA  1 
ATOM   422 C C   . THR A 1 55 ? 3.820  -3.551  9.480   1.00 15.39 ? 55 THR A C   1 
ATOM   423 O O   . THR A 1 55 ? 5.006  -3.317  9.344   1.00 15.56 ? 55 THR A O   1 
ATOM   424 C CB  . THR A 1 55 ? 3.561  -5.703  8.311   1.00 15.41 ? 55 THR A CB  1 
ATOM   425 O OG1 . THR A 1 55 ? 2.751  -6.406  7.388   1.00 15.65 ? 55 THR A OG1 1 
ATOM   426 C CG2 . THR A 1 55 ? 3.451  -6.392  9.688   1.00 15.48 ? 55 THR A CG2 1 
ATOM   427 N N   . GLU A 1 56 ? 3.145  -3.127  10.544  1.00 16.36 ? 56 GLU A N   1 
ATOM   428 C CA  . GLU A 1 56 ? 3.893  -2.484  11.636  1.00 19.22 ? 56 GLU A CA  1 
ATOM   429 C C   . GLU A 1 56 ? 4.269  -3.479  12.759  1.00 22.26 ? 56 GLU A C   1 
ATOM   430 O O   . GLU A 1 56 ? 3.506  -4.460  13.021  1.00 23.58 ? 56 GLU A O   1 
ATOM   431 C CB  . GLU A 1 56 ? 3.102  -1.368  12.254  1.00 19.26 ? 56 GLU A CB  1 
ATOM   432 C CG  . GLU A 1 56 ? 3.109  -0.094  11.492  1.00 19.10 ? 56 GLU A CG  1 
ATOM   433 C CD  . GLU A 1 56 ? 2.447  1.035   12.276  1.00 18.54 ? 56 GLU A CD  1 
ATOM   434 O OE1 . GLU A 1 56 ? 1.372  0.859   12.891  1.00 18.16 ? 56 GLU A OE1 1 
ATOM   435 O OE2 . GLU A 1 56 ? 3.029  2.119   12.308  1.00 20.42 ? 56 GLU A OE2 1 
ATOM   436 O OXT . GLU A 1 56 ? 5.337  -3.259  13.382  1.00 24.74 ? 56 GLU A OXT 1 
HETATM 437 O O   . HOH B 2 .  ? 4.378  -5.958  4.950   1.00 8.87  ? 57 HOH A O   1 
HETATM 438 O O   . HOH B 2 .  ? 2.496  -8.117  -1.216  1.00 14.15 ? 58 HOH A O   1 
HETATM 439 O O   . HOH B 2 .  ? 6.181  -7.490  5.681   0.99 16.66 ? 59 HOH A O   1 
HETATM 440 O O   . HOH B 2 .  ? -1.321 1.626   12.392  0.90 16.58 ? 60 HOH A O   1 
HETATM 441 O O   . HOH B 2 .  ? 10.157 -1.880  4.007   0.90 18.10 ? 61 HOH A O   1 
HETATM 442 O O   . HOH B 2 .  ? 1.784  -6.355  -17.337 1.00 26.97 ? 62 HOH A O   1 
HETATM 443 O O   . HOH B 2 .  ? 2.245  12.093  2.955   1.00 27.95 ? 63 HOH A O   1 
HETATM 444 O O   . HOH B 2 .  ? -6.701 1.240   -13.939 1.00 30.92 ? 64 HOH A O   1 
HETATM 445 O O   . HOH B 2 .  ? -6.696 -1.636  14.150  1.00 35.17 ? 65 HOH A O   1 
HETATM 446 O O   . HOH B 2 .  ? 3.559  -10.731 -12.638 0.83 26.26 ? 66 HOH A O   1 
HETATM 447 O O   . HOH B 2 .  ? -6.151 -7.016  8.180   1.00 39.44 ? 67 HOH A O   1 
HETATM 448 O O   . HOH B 2 .  ? 9.190  -2.621  -2.769  1.00 40.01 ? 68 HOH A O   1 
HETATM 449 O O   . HOH B 2 .  ? -0.340 -0.020  -17.464 0.94 35.75 ? 69 HOH A O   1 
HETATM 450 O O   . HOH B 2 .  ? -3.107 6.512   -7.623  0.90 34.50 ? 70 HOH A O   1 
HETATM 451 O O   . HOH B 2 .  ? -5.355 10.977  7.584   0.81 28.12 ? 71 HOH A O   1 
HETATM 452 O O   . HOH B 2 .  ? 7.885  4.227   -6.366  0.78 27.73 ? 72 HOH A O   1 
HETATM 453 O O   . HOH B 2 .  ? 2.690  -8.029  -14.795 0.69 22.59 ? 73 HOH A O   1 
HETATM 454 O O   . HOH B 2 .  ? 4.263  -13.884 -6.332  0.74 26.66 ? 74 HOH A O   1 
HETATM 455 O O   . HOH B 2 .  ? 1.520  4.266   13.754  0.91 40.47 ? 75 HOH A O   1 
HETATM 456 O O   . HOH B 2 .  ? -2.715 10.181  12.023  0.84 35.43 ? 76 HOH A O   1 
HETATM 457 O O   . HOH B 2 .  ? 5.477  2.861   6.239   0.63 20.50 ? 77 HOH A O   1 
HETATM 458 O O   . HOH B 2 .  ? 3.567  -10.106 5.833   0.86 40.26 ? 78 HOH A O   1 
HETATM 459 O O   . HOH B 2 .  ? -9.750 -11.326 9.048   0.64 26.95 ? 79 HOH A O   1 
HETATM 460 O O   . HOH B 2 .  ? -0.447 3.427   -17.695 0.81 48.91 ? 80 HOH A O   1 
# 
